data_2ZEC
#
_entry.id   2ZEC
#
_cell.length_a   82.260
_cell.length_b   82.260
_cell.length_c   170.650
_cell.angle_alpha   90.000
_cell.angle_beta   90.000
_cell.angle_gamma   90.000
#
_symmetry.space_group_name_H-M   'P 41'
#
loop_
_entity.id
_entity.type
_entity.pdbx_description
1 polymer 'Tryptase beta 2'
2 non-polymer "1-[1'-(3-phenylacryloyl)spiro[1-benzofuran-3,4'-piperidin]-5-yl]methanamine"
3 water water
#
_entity_poly.entity_id   1
_entity_poly.type   'polypeptide(L)'
_entity_poly.pdbx_seq_one_letter_code
;IVGGQEAPRSKWPWQVSLRVHGPYWMHFCGGSLIHPQWVLTAAHCVGPDVKDLAALRVQLREQHLYYQDQLLPVSRIIVH
PQFYTAQIGADIALLELEEPVKVSSHVHTVTLPPASETFPPGMPCWVTGWGDVDNDERLPPPFPLKQVKVPIMENHICDA
KYHLGAYTGDDVRIVRDDMLCAGNTRRDSCQGDSGGPLVCKVNGTWLQAGVVSWGEGCAQPNRPGIYTRVTYYLDWIHHY
VPK
;
_entity_poly.pdbx_strand_id   A,B,C,D
#
loop_
_chem_comp.id
_chem_comp.type
_chem_comp.name
_chem_comp.formula
11N non-polymer 1-[1'-(3-phenylacryloyl)spiro[1-benzofuran-3,4'-piperidin]-5-yl]methanamine 'C22 H24 N2 O2'
#
# COMPACT_ATOMS: atom_id res chain seq x y z
N ILE A 1 20.35 2.88 8.27
CA ILE A 1 21.56 3.67 8.01
C ILE A 1 21.61 4.12 6.56
N VAL A 2 21.81 5.42 6.36
CA VAL A 2 21.90 6.04 5.03
C VAL A 2 23.38 6.22 4.66
N GLY A 3 23.76 5.72 3.49
CA GLY A 3 25.16 5.68 3.14
C GLY A 3 25.86 4.63 4.00
N GLY A 4 27.17 4.74 4.13
CA GLY A 4 27.91 3.77 4.95
C GLY A 4 27.93 2.38 4.35
N GLN A 5 28.24 1.38 5.17
CA GLN A 5 28.47 0.04 4.65
C GLN A 5 28.15 -1.03 5.67
N GLU A 6 28.08 -2.28 5.22
CA GLU A 6 27.98 -3.40 6.15
C GLU A 6 29.17 -3.36 7.11
N ALA A 7 28.90 -3.61 8.38
CA ALA A 7 29.95 -3.59 9.39
C ALA A 7 30.73 -4.89 9.38
N PRO A 8 32.03 -4.81 9.68
CA PRO A 8 32.82 -6.03 9.89
C PRO A 8 32.19 -6.83 11.03
N ARG A 9 32.39 -8.14 11.05
CA ARG A 9 31.71 -9.00 12.03
C ARG A 9 32.20 -8.78 13.46
N SER A 10 33.40 -8.26 13.60
CA SER A 10 34.00 -8.07 14.92
C SER A 10 33.63 -6.73 15.58
N LYS A 11 32.97 -5.85 14.84
CA LYS A 11 32.71 -4.51 15.37
C LYS A 11 31.31 -4.31 15.91
N TRP A 12 31.18 -3.36 16.84
CA TRP A 12 29.92 -3.02 17.47
C TRP A 12 29.32 -4.20 18.23
N PRO A 13 30.11 -4.83 19.11
CA PRO A 13 29.62 -6.02 19.80
C PRO A 13 28.42 -5.73 20.69
N TRP A 14 28.18 -4.45 20.97
CA TRP A 14 27.15 -4.05 21.92
C TRP A 14 25.80 -3.83 21.25
N GLN A 15 25.78 -3.80 19.92
CA GLN A 15 24.54 -3.55 19.18
C GLN A 15 23.50 -4.64 19.44
N VAL A 16 22.27 -4.23 19.71
CA VAL A 16 21.18 -5.18 19.86
C VAL A 16 19.99 -4.79 18.99
N SER A 17 19.15 -5.77 18.69
CA SER A 17 17.93 -5.53 17.93
C SER A 17 16.73 -5.81 18.83
N LEU A 18 15.76 -4.91 18.84
CA LEU A 18 14.54 -5.12 19.59
C LEU A 18 13.48 -5.76 18.70
N ARG A 19 12.80 -6.79 19.20
CA ARG A 19 11.81 -7.52 18.39
C ARG A 19 10.41 -7.50 18.98
N VAL A 20 9.41 -7.40 18.10
CA VAL A 20 8.00 -7.48 18.52
C VAL A 20 7.32 -8.72 17.95
N HIS A 21 6.38 -9.29 18.70
CA HIS A 21 5.68 -10.49 18.27
C HIS A 21 4.75 -10.19 17.10
N GLY A 22 4.89 -10.97 16.04
CA GLY A 22 4.00 -10.88 14.89
C GLY A 22 4.02 -12.20 14.17
N PRO A 23 3.79 -12.18 12.84
CA PRO A 23 4.00 -13.38 12.02
C PRO A 23 5.38 -13.94 12.29
N TYR A 24 6.30 -13.06 12.68
CA TYR A 24 7.63 -13.43 13.10
C TYR A 24 8.10 -12.38 14.09
N TRP A 25 9.19 -12.64 14.81
CA TRP A 25 9.75 -11.65 15.73
C TRP A 25 10.46 -10.52 14.97
N MET A 26 9.68 -9.55 14.54
CA MET A 26 10.16 -8.51 13.65
C MET A 26 11.00 -7.42 14.35
N HIS A 27 12.12 -7.06 13.76
CA HIS A 27 12.91 -5.94 14.23
C HIS A 27 12.12 -4.64 14.09
N PHE A 28 12.11 -3.83 15.14
CA PHE A 28 11.43 -2.54 15.10
C PHE A 28 12.29 -1.37 15.59
N CYS A 29 13.33 -1.66 16.36
CA CYS A 29 14.22 -0.65 16.92
C CYS A 29 15.55 -1.25 17.32
N GLY A 30 16.55 -0.39 17.49
CA GLY A 30 17.86 -0.81 17.94
C GLY A 30 18.07 -0.49 19.41
N GLY A 31 19.28 -0.75 19.88
CA GLY A 31 19.62 -0.53 21.28
C GLY A 31 21.05 -0.99 21.49
N SER A 32 21.61 -0.70 22.67
CA SER A 32 22.98 -1.11 22.97
C SER A 32 23.07 -1.80 24.35
N LEU A 33 23.92 -2.81 24.45
CA LEU A 33 24.20 -3.44 25.74
C LEU A 33 25.15 -2.54 26.54
N ILE A 34 24.68 -1.98 27.64
CA ILE A 34 25.53 -1.11 28.47
C ILE A 34 25.89 -1.77 29.79
N HIS A 35 25.51 -3.04 29.93
CA HIS A 35 25.70 -3.81 31.16
C HIS A 35 25.14 -5.19 30.89
N PRO A 36 25.87 -6.24 31.29
CA PRO A 36 25.49 -7.63 31.09
C PRO A 36 23.99 -7.89 31.17
N GLN A 37 23.28 -7.10 31.98
CA GLN A 37 21.84 -7.31 32.13
C GLN A 37 20.98 -6.09 31.71
N TRP A 38 21.59 -5.08 31.10
CA TRP A 38 20.84 -3.87 30.76
C TRP A 38 21.04 -3.38 29.32
N VAL A 39 19.93 -3.09 28.66
CA VAL A 39 19.95 -2.52 27.31
C VAL A 39 19.43 -1.09 27.33
N LEU A 40 20.17 -0.19 26.68
CA LEU A 40 19.75 1.20 26.53
C LEU A 40 19.13 1.39 25.14
N THR A 41 17.97 2.02 25.10
CA THR A 41 17.25 2.27 23.85
C THR A 41 16.53 3.60 23.93
N ALA A 42 15.74 3.92 22.91
CA ALA A 42 14.95 5.14 22.94
C ALA A 42 13.59 4.88 23.56
N ALA A 43 13.03 5.89 24.22
CA ALA A 43 11.70 5.76 24.79
C ALA A 43 10.61 5.61 23.73
N HIS A 44 10.76 6.31 22.60
CA HIS A 44 9.67 6.31 21.60
C HIS A 44 9.54 4.94 20.94
N CYS A 45 10.51 4.07 21.18
CA CYS A 45 10.46 2.69 20.71
C CYS A 45 9.49 1.87 21.54
N VAL A 46 9.39 2.20 22.83
CA VAL A 46 8.59 1.40 23.73
C VAL A 46 7.46 2.18 24.42
N GLY A 47 7.47 3.51 24.26
CA GLY A 47 6.45 4.35 24.89
C GLY A 47 5.84 5.38 23.95
N PRO A 48 5.04 6.30 24.50
CA PRO A 48 4.76 6.42 25.94
C PRO A 48 3.69 5.45 26.43
N ASP A 49 3.04 4.73 25.52
CA ASP A 49 2.01 3.78 25.91
C ASP A 49 2.63 2.53 26.52
N VAL A 50 2.10 2.10 27.66
CA VAL A 50 2.60 0.92 28.35
C VAL A 50 2.43 -0.31 27.46
N LYS A 51 3.48 -1.14 27.38
CA LYS A 51 3.45 -2.32 26.52
C LYS A 51 3.68 -3.62 27.28
N ASP A 52 3.10 -4.71 26.77
CA ASP A 52 3.23 -6.03 27.36
C ASP A 52 4.63 -6.59 27.17
N LEU A 53 5.30 -6.90 28.28
CA LEU A 53 6.66 -7.45 28.25
C LEU A 53 6.74 -8.74 27.44
N ALA A 54 5.69 -9.55 27.50
CA ALA A 54 5.72 -10.84 26.81
C ALA A 54 5.63 -10.70 25.30
N ALA A 55 5.56 -9.45 24.82
CA ALA A 55 5.45 -9.19 23.39
C ALA A 55 6.78 -8.67 22.87
N LEU A 56 7.80 -8.65 23.72
CA LEU A 56 9.08 -8.08 23.35
C LEU A 56 10.22 -9.04 23.65
N ARG A 57 11.22 -9.04 22.77
CA ARG A 57 12.42 -9.84 22.98
C ARG A 57 13.60 -8.99 22.51
N VAL A 58 14.77 -9.30 23.03
CA VAL A 58 16.00 -8.64 22.63
C VAL A 58 16.89 -9.64 21.90
N GLN A 59 17.49 -9.21 20.80
CA GLN A 59 18.47 -10.02 20.08
C GLN A 59 19.83 -9.36 20.16
N LEU A 60 20.82 -10.08 20.68
CA LEU A 60 22.18 -9.55 20.81
C LEU A 60 22.82 -9.52 19.44
N ARG A 61 23.99 -8.91 19.33
CA ARG A 61 24.58 -8.64 18.03
C ARG A 61 24.50 -9.83 17.08
N GLU A 62 23.97 -9.57 15.88
CA GLU A 62 23.90 -10.52 14.78
C GLU A 62 24.46 -9.83 13.56
N GLN A 63 25.13 -10.56 12.68
CA GLN A 63 25.60 -9.97 11.43
C GLN A 63 24.42 -9.72 10.50
N HIS A 64 23.46 -10.65 10.50
CA HIS A 64 22.27 -10.53 9.68
C HIS A 64 21.02 -10.82 10.49
N LEU A 65 20.02 -9.94 10.40
CA LEU A 65 18.78 -10.14 11.15
C LEU A 65 18.10 -11.46 10.81
N TYR A 66 17.52 -12.08 11.84
CA TYR A 66 16.63 -13.24 11.71
C TYR A 66 17.37 -14.53 11.40
N TYR A 67 18.55 -14.38 10.78
CA TYR A 67 19.36 -15.50 10.31
C TYR A 67 19.68 -16.52 11.40
N GLN A 68 20.20 -16.05 12.53
CA GLN A 68 20.56 -16.96 13.62
C GLN A 68 20.06 -16.48 14.98
N ASP A 69 18.76 -16.24 15.07
CA ASP A 69 18.16 -15.65 16.27
C ASP A 69 18.32 -16.47 17.54
N GLN A 70 18.71 -15.78 18.61
CA GLN A 70 18.56 -16.29 19.97
C GLN A 70 17.88 -15.20 20.81
N LEU A 71 16.56 -15.25 20.88
CA LEU A 71 15.77 -14.18 21.50
C LEU A 71 15.79 -14.25 23.02
N LEU A 72 15.88 -13.09 23.66
CA LEU A 72 16.03 -12.99 25.11
C LEU A 72 14.87 -12.23 25.75
N PRO A 73 14.23 -12.85 26.75
CA PRO A 73 13.09 -12.24 27.44
C PRO A 73 13.47 -11.01 28.28
N VAL A 74 12.53 -10.09 28.43
CA VAL A 74 12.76 -8.86 29.19
C VAL A 74 11.97 -8.88 30.49
N SER A 75 12.62 -8.52 31.60
CA SER A 75 11.94 -8.52 32.89
C SER A 75 11.33 -7.15 33.22
N ARG A 76 12.00 -6.07 32.82
CA ARG A 76 11.49 -4.73 33.08
C ARG A 76 11.66 -3.76 31.91
N ILE A 77 10.64 -2.95 31.67
CA ILE A 77 10.75 -1.80 30.77
C ILE A 77 10.73 -0.53 31.60
N ILE A 78 11.80 0.25 31.54
CA ILE A 78 11.85 1.51 32.29
C ILE A 78 12.01 2.72 31.39
N VAL A 79 10.94 3.48 31.28
CA VAL A 79 10.89 4.62 30.37
C VAL A 79 10.96 5.90 31.17
N HIS A 80 11.89 6.78 30.80
CA HIS A 80 12.05 8.04 31.49
C HIS A 80 10.71 8.73 31.70
N PRO A 81 10.43 9.14 32.95
CA PRO A 81 9.10 9.67 33.28
C PRO A 81 8.74 10.92 32.48
N GLN A 82 9.73 11.63 31.97
CA GLN A 82 9.46 12.89 31.28
C GLN A 82 9.16 12.69 29.81
N PHE A 83 9.33 11.48 29.30
CA PHE A 83 9.08 11.23 27.89
C PHE A 83 7.61 11.30 27.51
N TYR A 84 7.32 12.03 26.45
CA TYR A 84 6.02 11.88 25.79
C TYR A 84 6.16 11.85 24.26
N THR A 85 6.96 12.77 23.71
CA THR A 85 7.34 12.72 22.31
C THR A 85 8.82 13.03 22.17
N ALA A 86 9.42 12.56 21.08
CA ALA A 86 10.84 12.75 20.87
C ALA A 86 11.18 14.23 20.68
N GLN A 87 10.26 15.01 20.11
CA GLN A 87 10.53 16.44 19.89
C GLN A 87 10.54 17.19 21.21
N ILE A 88 9.80 16.69 22.18
CA ILE A 88 9.77 17.30 23.51
C ILE A 88 11.03 16.91 24.29
N GLY A 89 11.42 15.65 24.20
CA GLY A 89 12.68 15.20 24.78
C GLY A 89 12.62 14.00 25.70
N ALA A 90 13.72 13.77 26.40
CA ALA A 90 13.84 12.65 27.31
C ALA A 90 13.52 11.35 26.59
N ASP A 91 14.02 11.23 25.37
CA ASP A 91 13.77 10.03 24.57
C ASP A 91 14.80 8.97 24.91
N ILE A 92 14.65 8.39 26.10
CA ILE A 92 15.59 7.41 26.58
C ILE A 92 14.85 6.34 27.40
N ALA A 93 15.28 5.09 27.28
CA ALA A 93 14.68 4.02 28.06
C ALA A 93 15.69 2.92 28.35
N LEU A 94 15.34 2.02 29.27
CA LEU A 94 16.23 0.95 29.70
C LEU A 94 15.46 -0.36 29.76
N LEU A 95 16.08 -1.42 29.24
CA LEU A 95 15.46 -2.73 29.27
C LEU A 95 16.27 -3.63 30.20
N GLU A 96 15.60 -4.25 31.17
CA GLU A 96 16.28 -5.22 32.01
C GLU A 96 16.09 -6.62 31.47
N LEU A 97 17.17 -7.26 31.06
CA LEU A 97 17.07 -8.62 30.56
C LEU A 97 16.71 -9.56 31.70
N GLU A 98 15.88 -10.57 31.42
CA GLU A 98 15.43 -11.51 32.44
C GLU A 98 16.61 -12.15 33.15
N GLU A 99 17.71 -12.31 32.43
CA GLU A 99 18.95 -12.81 33.01
C GLU A 99 20.16 -12.19 32.33
N PRO A 100 21.29 -12.10 33.07
CA PRO A 100 22.53 -11.54 32.55
C PRO A 100 22.99 -12.28 31.30
N VAL A 101 23.78 -11.60 30.49
CA VAL A 101 24.32 -12.17 29.27
C VAL A 101 25.61 -12.89 29.60
N LYS A 102 25.96 -13.88 28.78
CA LYS A 102 27.26 -14.54 28.89
C LYS A 102 28.28 -13.81 28.03
N VAL A 103 28.68 -12.62 28.47
CA VAL A 103 29.59 -11.75 27.72
C VAL A 103 30.75 -12.51 27.08
N SER A 104 30.63 -12.77 25.78
CA SER A 104 31.66 -13.49 25.05
C SER A 104 32.61 -12.51 24.37
N SER A 105 32.98 -12.83 23.13
CA SER A 105 33.86 -11.97 22.34
C SER A 105 33.03 -11.24 21.30
N HIS A 106 31.99 -11.90 20.81
CA HIS A 106 31.09 -11.33 19.82
C HIS A 106 30.08 -10.39 20.49
N VAL A 107 30.00 -10.44 21.81
CA VAL A 107 29.12 -9.56 22.55
C VAL A 107 29.84 -8.96 23.76
N HIS A 108 29.70 -7.65 23.91
CA HIS A 108 30.43 -6.90 24.92
C HIS A 108 29.78 -5.53 25.09
N THR A 109 29.57 -5.14 26.34
CA THR A 109 28.91 -3.87 26.63
C THR A 109 29.71 -2.68 26.11
N VAL A 110 29.01 -1.59 25.86
CA VAL A 110 29.65 -0.36 25.42
C VAL A 110 29.84 0.55 26.63
N THR A 111 30.85 1.40 26.59
CA THR A 111 31.15 2.27 27.73
C THR A 111 30.42 3.60 27.65
N LEU A 112 29.79 4.01 28.75
CA LEU A 112 29.12 5.30 28.80
C LEU A 112 30.14 6.41 29.03
N PRO A 113 29.81 7.63 28.57
CA PRO A 113 30.69 8.78 28.68
C PRO A 113 30.67 9.42 30.06
N PRO A 114 31.79 10.01 30.50
CA PRO A 114 31.81 10.79 31.73
C PRO A 114 30.96 12.03 31.53
N ALA A 115 30.30 12.52 32.58
CA ALA A 115 29.43 13.67 32.48
C ALA A 115 30.02 14.84 31.70
N SER A 116 31.33 15.03 31.81
CA SER A 116 31.98 16.22 31.23
C SER A 116 32.30 16.08 29.74
N GLU A 117 32.13 14.88 29.19
CA GLU A 117 32.40 14.71 27.77
C GLU A 117 31.33 15.42 26.94
N THR A 118 31.77 16.29 26.04
CA THR A 118 30.83 17.14 25.32
C THR A 118 30.64 16.72 23.86
N PHE A 119 31.65 16.05 23.31
CA PHE A 119 31.61 15.59 21.93
C PHE A 119 31.45 16.77 20.96
N PRO A 120 32.51 17.56 20.80
CA PRO A 120 32.54 18.69 19.86
C PRO A 120 32.77 18.22 18.43
N PRO A 121 32.45 19.08 17.46
CA PRO A 121 32.61 18.77 16.03
C PRO A 121 34.04 18.33 15.72
N GLY A 122 34.19 17.48 14.71
CA GLY A 122 35.51 17.00 14.32
C GLY A 122 35.79 15.65 14.94
N MET A 123 35.12 15.38 16.05
CA MET A 123 35.26 14.10 16.75
C MET A 123 34.76 12.94 15.88
N PRO A 124 35.49 11.81 15.88
CA PRO A 124 35.13 10.63 15.10
C PRO A 124 33.95 9.87 15.70
N CYS A 125 32.88 9.72 14.92
CA CYS A 125 31.67 9.09 15.43
C CYS A 125 30.96 8.24 14.39
N TRP A 126 30.47 7.09 14.83
CA TRP A 126 29.73 6.19 13.98
C TRP A 126 28.36 5.89 14.58
N VAL A 127 27.38 5.69 13.72
CA VAL A 127 26.08 5.18 14.14
C VAL A 127 25.78 3.90 13.34
N THR A 128 25.19 2.92 14.00
CA THR A 128 24.97 1.59 13.43
C THR A 128 23.55 1.11 13.66
N GLY A 129 23.06 0.24 12.78
CA GLY A 129 21.73 -0.32 12.94
C GLY A 129 21.25 -1.06 11.71
N TRP A 130 20.04 -1.60 11.79
CA TRP A 130 19.43 -2.34 10.67
C TRP A 130 18.26 -1.58 10.05
N GLY A 131 18.28 -0.26 10.19
CA GLY A 131 17.19 0.57 9.75
C GLY A 131 17.20 0.86 8.25
N ASP A 132 16.30 1.74 7.84
CA ASP A 132 16.17 2.09 6.43
C ASP A 132 17.47 2.64 5.86
N VAL A 133 17.69 2.38 4.58
CA VAL A 133 18.89 2.84 3.90
C VAL A 133 18.66 4.19 3.19
N ASP A 134 17.41 4.65 3.22
CA ASP A 134 17.05 5.95 2.65
C ASP A 134 15.58 6.20 3.01
N ASN A 135 15.06 7.39 2.74
CA ASN A 135 13.65 7.64 2.97
C ASN A 135 12.75 6.62 2.27
N ASP A 136 11.91 5.93 3.05
CA ASP A 136 10.97 4.95 2.49
C ASP A 136 11.65 3.87 1.67
N GLU A 137 12.86 3.51 2.06
CA GLU A 137 13.59 2.47 1.36
C GLU A 137 14.22 1.51 2.36
N ARG A 138 13.62 0.33 2.47
CA ARG A 138 14.00 -0.60 3.51
C ARG A 138 15.35 -1.23 3.26
N LEU A 139 16.00 -1.66 4.34
CA LEU A 139 17.22 -2.43 4.22
C LEU A 139 16.86 -3.74 3.53
N PRO A 140 17.55 -4.06 2.44
CA PRO A 140 17.25 -5.29 1.69
C PRO A 140 17.75 -6.53 2.44
N PRO A 141 17.12 -7.69 2.19
CA PRO A 141 17.68 -8.94 2.69
C PRO A 141 19.07 -9.11 2.11
N PRO A 142 19.98 -9.79 2.84
CA PRO A 142 19.73 -10.43 4.13
C PRO A 142 20.02 -9.54 5.34
N PHE A 143 19.65 -8.27 5.24
CA PHE A 143 19.60 -7.40 6.41
C PHE A 143 20.93 -7.37 7.18
N PRO A 144 22.00 -6.93 6.53
CA PRO A 144 23.27 -6.80 7.23
C PRO A 144 23.25 -5.59 8.15
N LEU A 145 23.93 -5.68 9.29
CA LEU A 145 24.14 -4.52 10.13
C LEU A 145 24.99 -3.52 9.34
N LYS A 146 24.53 -2.28 9.29
CA LYS A 146 25.25 -1.24 8.56
C LYS A 146 25.93 -0.26 9.53
N GLN A 147 26.91 0.47 9.00
CA GLN A 147 27.59 1.49 9.78
C GLN A 147 27.84 2.72 8.91
N VAL A 148 27.96 3.87 9.54
CA VAL A 148 28.30 5.08 8.81
C VAL A 148 28.91 6.12 9.74
N LYS A 149 29.94 6.79 9.25
CA LYS A 149 30.62 7.84 9.99
C LYS A 149 29.83 9.14 9.88
N VAL A 150 29.42 9.70 11.02
CA VAL A 150 28.64 10.93 11.01
C VAL A 150 29.38 12.11 11.62
N PRO A 151 29.35 13.27 10.94
CA PRO A 151 29.89 14.52 11.45
C PRO A 151 29.04 15.05 12.62
N ILE A 152 29.68 15.42 13.71
CA ILE A 152 28.97 16.04 14.83
C ILE A 152 28.80 17.54 14.61
N MET A 153 27.61 18.05 14.94
CA MET A 153 27.32 19.48 14.77
C MET A 153 26.84 20.08 16.08
N GLU A 154 27.45 21.19 16.48
CA GLU A 154 27.09 21.89 17.71
C GLU A 154 25.60 22.14 17.78
N ASN A 155 25.00 21.93 18.95
CA ASN A 155 23.56 22.14 19.10
C ASN A 155 23.08 23.45 18.48
N HIS A 156 23.70 24.56 18.85
CA HIS A 156 23.21 25.86 18.39
C HIS A 156 23.28 26.01 16.86
N ILE A 157 24.31 25.45 16.25
CA ILE A 157 24.42 25.43 14.81
C ILE A 157 23.35 24.52 14.20
N CYS A 158 23.15 23.36 14.81
CA CYS A 158 22.12 22.42 14.39
C CYS A 158 20.74 23.05 14.50
N ASP A 159 20.51 23.77 15.59
CA ASP A 159 19.23 24.42 15.82
C ASP A 159 18.97 25.38 14.67
N ALA A 160 19.99 26.13 14.29
CA ALA A 160 19.84 27.13 13.23
C ALA A 160 19.43 26.45 11.93
N LYS A 161 20.14 25.39 11.57
CA LYS A 161 19.79 24.59 10.40
C LYS A 161 18.31 24.23 10.38
N TYR A 162 17.79 23.79 11.53
CA TYR A 162 16.39 23.37 11.60
C TYR A 162 15.38 24.51 11.41
N HIS A 163 15.87 25.75 11.47
CA HIS A 163 15.00 26.90 11.27
C HIS A 163 14.97 27.35 9.82
N LEU A 164 15.93 26.87 9.03
CA LEU A 164 15.92 27.18 7.60
C LEU A 164 14.77 26.46 6.92
N GLY A 165 13.97 27.22 6.19
CA GLY A 165 12.81 26.68 5.50
C GLY A 165 11.65 26.35 6.43
N ALA A 166 11.65 26.90 7.64
CA ALA A 166 10.60 26.61 8.62
C ALA A 166 9.95 27.91 9.08
N TYR A 167 8.68 27.85 9.48
CA TYR A 167 7.98 29.01 10.02
C TYR A 167 8.31 29.25 11.49
N THR A 168 8.89 28.25 12.14
CA THR A 168 9.17 28.31 13.57
C THR A 168 10.05 29.51 13.94
N GLY A 169 9.69 30.21 15.01
CA GLY A 169 10.40 31.41 15.41
C GLY A 169 11.86 31.15 15.74
N ASP A 170 12.71 32.09 15.38
CA ASP A 170 14.15 31.99 15.63
C ASP A 170 14.48 31.74 17.10
N ASP A 171 13.63 32.26 17.99
CA ASP A 171 13.87 32.19 19.42
C ASP A 171 13.36 30.89 20.02
N VAL A 172 12.48 30.21 19.29
CA VAL A 172 11.97 28.92 19.67
C VAL A 172 13.01 27.84 19.36
N ARG A 173 13.46 27.14 20.40
CA ARG A 173 14.44 26.08 20.25
C ARG A 173 13.81 24.78 19.77
N ILE A 174 14.36 24.24 18.69
CA ILE A 174 13.91 22.96 18.15
C ILE A 174 14.84 21.89 18.71
N VAL A 175 16.14 22.14 18.66
CA VAL A 175 17.13 21.21 19.19
C VAL A 175 17.48 21.53 20.63
N ARG A 176 17.02 20.69 21.55
CA ARG A 176 17.15 20.98 22.96
C ARG A 176 18.50 20.53 23.54
N ASP A 177 18.74 20.87 24.80
CA ASP A 177 20.03 20.62 25.44
C ASP A 177 20.24 19.16 25.80
N ASP A 178 19.16 18.40 25.89
CA ASP A 178 19.28 16.96 26.09
C ASP A 178 19.35 16.23 24.76
N MET A 179 19.67 16.96 23.69
CA MET A 179 19.83 16.36 22.36
C MET A 179 21.21 16.66 21.79
N LEU A 180 21.59 15.89 20.77
CA LEU A 180 22.88 16.04 20.09
C LEU A 180 22.63 15.85 18.60
N CYS A 181 23.34 16.60 17.75
CA CYS A 181 23.14 16.49 16.29
C CYS A 181 24.34 15.93 15.54
N ALA A 182 24.04 15.14 14.50
CA ALA A 182 25.08 14.51 13.70
C ALA A 182 24.53 14.01 12.38
N GLY A 183 25.37 14.01 11.36
CA GLY A 183 25.01 13.53 10.04
C GLY A 183 24.92 14.64 9.03
N ASN A 184 24.74 14.27 7.77
CA ASN A 184 24.57 15.22 6.69
C ASN A 184 23.69 14.61 5.61
N THR A 185 23.69 15.19 4.42
CA THR A 185 22.85 14.70 3.33
C THR A 185 23.34 13.40 2.67
N ARG A 186 24.42 12.83 3.19
CA ARG A 186 24.95 11.56 2.65
C ARG A 186 25.04 10.50 3.75
N ARG A 187 25.13 10.96 4.98
CA ARG A 187 25.36 10.09 6.12
C ARG A 187 24.39 10.45 7.23
N ASP A 188 23.63 9.46 7.71
CA ASP A 188 22.60 9.71 8.71
C ASP A 188 22.00 8.38 9.17
N SER A 189 21.28 8.42 10.28
CA SER A 189 20.50 7.27 10.71
C SER A 189 19.13 7.40 10.07
N CYS A 190 18.26 6.42 10.28
CA CYS A 190 16.93 6.47 9.70
C CYS A 190 15.96 5.51 10.40
N GLN A 191 14.70 5.51 9.97
CA GLN A 191 13.69 4.65 10.58
C GLN A 191 14.17 3.20 10.75
N GLY A 192 14.02 2.68 11.97
CA GLY A 192 14.49 1.34 12.25
C GLY A 192 15.84 1.35 12.94
N ASP A 193 16.55 2.46 12.81
CA ASP A 193 17.82 2.64 13.52
C ASP A 193 17.57 3.21 14.92
N SER A 194 16.37 3.75 15.12
CA SER A 194 16.05 4.45 16.36
C SER A 194 16.36 3.59 17.57
N GLY A 195 16.89 4.22 18.61
CA GLY A 195 17.21 3.50 19.83
C GLY A 195 18.63 2.95 19.84
N GLY A 196 19.24 2.89 18.66
CA GLY A 196 20.57 2.34 18.52
C GLY A 196 21.67 3.30 18.93
N PRO A 197 22.91 2.83 18.94
CA PRO A 197 24.04 3.56 19.51
C PRO A 197 24.69 4.55 18.55
N LEU A 198 24.98 5.74 19.06
CA LEU A 198 25.92 6.63 18.40
C LEU A 198 27.17 6.63 19.24
N VAL A 199 28.26 6.11 18.71
CA VAL A 199 29.50 5.97 19.46
C VAL A 199 30.65 6.81 18.89
N CYS A 200 31.45 7.39 19.79
CA CYS A 200 32.60 8.18 19.38
C CYS A 200 33.88 7.66 20.05
N LYS A 201 34.99 7.68 19.32
CA LYS A 201 36.25 7.17 19.85
C LYS A 201 37.03 8.29 20.53
N VAL A 202 36.99 8.29 21.85
CA VAL A 202 37.66 9.32 22.64
C VAL A 202 38.85 8.75 23.40
N ASN A 203 40.04 9.27 23.10
CA ASN A 203 41.26 8.77 23.71
C ASN A 203 41.33 7.24 23.62
N GLY A 204 41.14 6.71 22.43
CA GLY A 204 41.25 5.27 22.19
C GLY A 204 40.05 4.43 22.61
N THR A 205 39.14 5.02 23.37
CA THR A 205 37.97 4.28 23.84
C THR A 205 36.70 4.70 23.09
N TRP A 206 35.79 3.73 22.87
CA TRP A 206 34.48 4.02 22.31
C TRP A 206 33.49 4.41 23.40
N LEU A 207 32.91 5.60 23.29
CA LEU A 207 31.90 6.05 24.23
C LEU A 207 30.57 6.24 23.50
N GLN A 208 29.46 5.79 24.09
CA GLN A 208 28.16 6.06 23.48
C GLN A 208 27.69 7.50 23.75
N ALA A 209 27.86 8.35 22.74
CA ALA A 209 27.45 9.74 22.84
C ALA A 209 25.94 9.91 22.78
N GLY A 210 25.29 9.17 21.88
CA GLY A 210 23.86 9.38 21.66
C GLY A 210 23.00 8.14 21.48
N VAL A 211 21.69 8.36 21.52
CA VAL A 211 20.72 7.34 21.17
C VAL A 211 19.89 7.85 20.00
N VAL A 212 19.83 7.08 18.92
CA VAL A 212 19.06 7.50 17.74
C VAL A 212 17.65 7.92 18.17
N SER A 213 17.29 9.17 17.86
CA SER A 213 16.02 9.70 18.35
C SER A 213 15.02 10.12 17.26
N TRP A 214 15.35 11.14 16.49
CA TRP A 214 14.45 11.61 15.45
C TRP A 214 15.16 12.53 14.49
N GLY A 215 14.38 13.14 13.61
CA GLY A 215 14.87 14.14 12.69
C GLY A 215 13.77 14.38 11.69
N GLU A 216 13.95 15.35 10.81
CA GLU A 216 13.03 15.53 9.72
C GLU A 216 13.50 14.72 8.52
N GLY A 217 12.86 13.57 8.32
CA GLY A 217 13.31 12.63 7.31
C GLY A 217 14.71 12.16 7.63
N CYS A 218 15.36 11.58 6.63
CA CYS A 218 16.72 11.08 6.77
C CYS A 218 17.57 11.66 5.66
N ALA A 219 18.72 12.23 6.03
CA ALA A 219 19.68 12.77 5.08
C ALA A 219 19.09 13.87 4.21
N GLN A 220 18.16 14.66 4.77
CA GLN A 220 17.59 15.77 4.04
C GLN A 220 18.41 17.05 4.28
N PRO A 221 18.44 17.96 3.29
CA PRO A 221 19.19 19.22 3.42
C PRO A 221 18.80 20.01 4.68
N ASN A 222 19.78 20.43 5.47
CA ASN A 222 19.52 21.26 6.64
C ASN A 222 18.75 20.57 7.77
N ARG A 223 18.79 19.24 7.78
CA ARG A 223 18.13 18.44 8.81
C ARG A 223 19.01 17.29 9.32
N PRO A 224 20.09 17.61 10.05
CA PRO A 224 20.94 16.55 10.61
C PRO A 224 20.12 15.60 11.49
N GLY A 225 20.63 14.40 11.73
CA GLY A 225 19.96 13.47 12.60
C GLY A 225 20.03 13.96 14.03
N ILE A 226 18.99 13.70 14.81
CA ILE A 226 19.00 14.09 16.22
C ILE A 226 19.04 12.89 17.14
N TYR A 227 19.87 12.99 18.17
CA TYR A 227 20.07 11.91 19.11
C TYR A 227 19.82 12.42 20.50
N THR A 228 19.31 11.56 21.38
CA THR A 228 19.33 11.86 22.80
C THR A 228 20.79 11.94 23.27
N ARG A 229 21.11 12.98 24.02
CA ARG A 229 22.47 13.15 24.57
C ARG A 229 22.63 12.31 25.84
N VAL A 230 23.42 11.24 25.76
CA VAL A 230 23.55 10.33 26.89
C VAL A 230 24.07 10.98 28.18
N THR A 231 25.08 11.84 28.08
CA THR A 231 25.62 12.51 29.27
C THR A 231 24.50 13.11 30.11
N TYR A 232 23.48 13.65 29.42
CA TYR A 232 22.39 14.35 30.08
C TYR A 232 21.62 13.46 31.04
N TYR A 233 21.67 12.15 30.82
CA TYR A 233 20.81 11.22 31.54
C TYR A 233 21.58 10.20 32.38
N LEU A 234 22.87 10.44 32.56
CA LEU A 234 23.69 9.56 33.39
C LEU A 234 23.05 9.29 34.75
N ASP A 235 22.66 10.35 35.45
CA ASP A 235 22.09 10.20 36.80
C ASP A 235 20.88 9.29 36.81
N TRP A 236 20.02 9.43 35.82
CA TRP A 236 18.82 8.61 35.77
C TRP A 236 19.19 7.16 35.41
N ILE A 237 20.15 7.00 34.51
CA ILE A 237 20.61 5.66 34.15
C ILE A 237 21.20 4.94 35.36
N HIS A 238 22.07 5.63 36.10
CA HIS A 238 22.74 5.05 37.26
C HIS A 238 21.81 4.73 38.41
N HIS A 239 20.61 5.31 38.42
CA HIS A 239 19.67 5.00 39.46
C HIS A 239 19.12 3.59 39.29
N TYR A 240 19.35 3.01 38.12
CA TYR A 240 18.82 1.69 37.79
C TYR A 240 19.92 0.67 37.48
N VAL A 241 20.97 1.15 36.81
CA VAL A 241 22.02 0.29 36.31
C VAL A 241 23.32 0.41 37.10
N PRO A 242 23.77 -0.70 37.70
CA PRO A 242 25.03 -0.79 38.44
C PRO A 242 26.20 -0.46 37.51
N LYS A 243 27.30 0.04 38.08
N ILE B 1 -10.27 5.84 -18.54
CA ILE B 1 -10.03 6.32 -19.90
C ILE B 1 -8.70 7.09 -20.00
N VAL B 2 -7.82 6.66 -20.91
CA VAL B 2 -6.51 7.29 -21.08
C VAL B 2 -6.55 8.32 -22.21
N GLY B 3 -6.07 9.53 -21.93
CA GLY B 3 -6.22 10.62 -22.88
C GLY B 3 -7.68 11.06 -22.92
N GLY B 4 -8.07 11.78 -23.96
CA GLY B 4 -9.47 12.19 -24.07
C GLY B 4 -9.88 13.25 -23.06
N GLN B 5 -11.18 13.33 -22.80
CA GLN B 5 -11.71 14.47 -22.07
C GLN B 5 -13.00 14.11 -21.34
N GLU B 6 -13.45 15.04 -20.49
CA GLU B 6 -14.73 14.88 -19.81
C GLU B 6 -15.85 14.96 -20.83
N ALA B 7 -16.77 14.00 -20.79
CA ALA B 7 -17.88 13.97 -21.73
C ALA B 7 -18.86 15.11 -21.49
N PRO B 8 -19.40 15.67 -22.58
CA PRO B 8 -20.56 16.56 -22.48
C PRO B 8 -21.73 15.78 -21.89
N ARG B 9 -22.64 16.47 -21.20
CA ARG B 9 -23.72 15.82 -20.48
C ARG B 9 -24.83 15.24 -21.38
N SER B 10 -24.82 15.60 -22.66
CA SER B 10 -25.86 15.10 -23.58
C SER B 10 -25.40 13.85 -24.34
N LYS B 11 -24.11 13.54 -24.25
CA LYS B 11 -23.57 12.42 -24.99
C LYS B 11 -23.52 11.12 -24.16
N TRP B 12 -23.58 9.99 -24.84
CA TRP B 12 -23.50 8.66 -24.22
C TRP B 12 -24.61 8.36 -23.20
N PRO B 13 -25.87 8.60 -23.57
CA PRO B 13 -27.01 8.36 -22.69
C PRO B 13 -27.17 6.89 -22.28
N TRP B 14 -26.42 6.00 -22.94
CA TRP B 14 -26.52 4.55 -22.68
C TRP B 14 -25.51 4.03 -21.67
N GLN B 15 -24.59 4.88 -21.22
CA GLN B 15 -23.53 4.45 -20.34
C GLN B 15 -24.06 4.16 -18.94
N VAL B 16 -23.66 3.03 -18.37
CA VAL B 16 -24.00 2.73 -16.97
C VAL B 16 -22.77 2.42 -16.15
N SER B 17 -22.93 2.51 -14.84
CA SER B 17 -21.89 2.16 -13.90
C SER B 17 -22.37 1.00 -13.05
N LEU B 18 -21.52 0.00 -12.84
CA LEU B 18 -21.88 -1.12 -11.99
C LEU B 18 -21.27 -0.93 -10.60
N ARG B 19 -22.08 -1.08 -9.57
CA ARG B 19 -21.65 -0.84 -8.20
C ARG B 19 -21.64 -2.11 -7.36
N VAL B 20 -20.62 -2.26 -6.53
CA VAL B 20 -20.54 -3.37 -5.59
C VAL B 20 -20.74 -2.90 -4.16
N HIS B 21 -21.42 -3.70 -3.36
CA HIS B 21 -21.69 -3.32 -1.99
C HIS B 21 -20.41 -3.30 -1.16
N GLY B 22 -20.33 -2.36 -0.23
CA GLY B 22 -19.19 -2.24 0.66
C GLY B 22 -19.36 -1.05 1.58
N PRO B 23 -18.25 -0.48 2.06
CA PRO B 23 -18.35 0.74 2.87
C PRO B 23 -19.21 1.74 2.10
N TYR B 24 -19.22 1.59 0.78
CA TYR B 24 -20.13 2.35 -0.06
C TYR B 24 -20.36 1.57 -1.38
N TRP B 25 -21.32 2.00 -2.18
CA TRP B 25 -21.58 1.33 -3.45
C TRP B 25 -20.57 1.80 -4.49
N MET B 26 -19.51 1.01 -4.65
CA MET B 26 -18.32 1.44 -5.36
C MET B 26 -18.37 1.04 -6.83
N HIS B 27 -18.03 1.97 -7.71
CA HIS B 27 -17.93 1.66 -9.13
C HIS B 27 -16.85 0.60 -9.32
N PHE B 28 -17.11 -0.37 -10.19
CA PHE B 28 -16.11 -1.39 -10.47
C PHE B 28 -15.95 -1.73 -11.95
N CYS B 29 -17.01 -1.52 -12.73
CA CYS B 29 -17.01 -1.77 -14.16
C CYS B 29 -18.06 -0.90 -14.82
N GLY B 30 -17.92 -0.66 -16.12
CA GLY B 30 -18.95 0.01 -16.88
C GLY B 30 -19.95 -0.98 -17.45
N GLY B 31 -20.89 -0.45 -18.23
CA GLY B 31 -21.83 -1.24 -18.99
C GLY B 31 -22.62 -0.32 -19.92
N SER B 32 -23.48 -0.90 -20.74
CA SER B 32 -24.32 -0.09 -21.62
C SER B 32 -25.75 -0.59 -21.60
N LEU B 33 -26.69 0.34 -21.61
CA LEU B 33 -28.11 0.01 -21.68
C LEU B 33 -28.44 -0.31 -23.14
N ILE B 34 -28.81 -1.55 -23.43
CA ILE B 34 -29.14 -1.93 -24.81
C ILE B 34 -30.64 -2.20 -24.98
N HIS B 35 -31.38 -2.16 -23.86
CA HIS B 35 -32.82 -2.36 -23.85
C HIS B 35 -33.29 -1.81 -22.50
N PRO B 36 -34.49 -1.21 -22.46
CA PRO B 36 -34.94 -0.59 -21.21
C PRO B 36 -34.83 -1.50 -19.97
N GLN B 37 -34.70 -2.81 -20.15
CA GLN B 37 -34.55 -3.68 -18.98
C GLN B 37 -33.25 -4.50 -19.00
N TRP B 38 -32.36 -4.23 -19.95
CA TRP B 38 -31.12 -5.00 -20.10
C TRP B 38 -29.85 -4.18 -20.24
N VAL B 39 -28.82 -4.56 -19.49
CA VAL B 39 -27.50 -3.94 -19.59
C VAL B 39 -26.47 -4.90 -20.19
N LEU B 40 -25.69 -4.42 -21.16
CA LEU B 40 -24.61 -5.22 -21.74
C LEU B 40 -23.31 -4.87 -21.04
N THR B 41 -22.54 -5.90 -20.67
CA THR B 41 -21.28 -5.66 -19.99
C THR B 41 -20.29 -6.77 -20.30
N ALA B 42 -19.14 -6.75 -19.65
CA ALA B 42 -18.13 -7.78 -19.85
C ALA B 42 -18.34 -8.84 -18.78
N ALA B 43 -18.14 -10.10 -19.16
CA ALA B 43 -18.27 -11.20 -18.23
C ALA B 43 -17.22 -11.16 -17.10
N HIS B 44 -16.00 -10.73 -17.40
CA HIS B 44 -14.96 -10.71 -16.36
C HIS B 44 -15.28 -9.76 -15.22
N CYS B 45 -16.32 -8.96 -15.39
CA CYS B 45 -16.76 -8.05 -14.33
C CYS B 45 -17.61 -8.78 -13.30
N VAL B 46 -18.25 -9.87 -13.75
CA VAL B 46 -19.17 -10.60 -12.89
C VAL B 46 -18.82 -12.08 -12.70
N GLY B 47 -18.01 -12.64 -13.60
CA GLY B 47 -17.60 -14.03 -13.50
C GLY B 47 -16.09 -14.21 -13.54
N PRO B 48 -15.63 -15.45 -13.80
CA PRO B 48 -16.46 -16.64 -14.04
C PRO B 48 -17.14 -17.15 -12.77
N ASP B 49 -16.68 -16.69 -11.61
CA ASP B 49 -17.23 -17.10 -10.32
C ASP B 49 -18.60 -16.44 -10.09
N VAL B 50 -19.59 -17.22 -9.69
CA VAL B 50 -20.93 -16.70 -9.47
C VAL B 50 -20.96 -15.87 -8.18
N LYS B 51 -21.54 -14.68 -8.23
CA LYS B 51 -21.67 -13.87 -7.01
C LYS B 51 -23.12 -13.54 -6.66
N ASP B 52 -23.32 -12.96 -5.48
CA ASP B 52 -24.65 -12.67 -4.97
C ASP B 52 -25.28 -11.42 -5.59
N LEU B 53 -26.42 -11.59 -6.23
CA LEU B 53 -27.16 -10.49 -6.86
C LEU B 53 -27.33 -9.29 -5.93
N ALA B 54 -27.70 -9.59 -4.69
CA ALA B 54 -28.04 -8.52 -3.75
C ALA B 54 -26.90 -7.52 -3.59
N ALA B 55 -25.67 -7.96 -3.86
CA ALA B 55 -24.50 -7.12 -3.63
C ALA B 55 -24.12 -6.29 -4.84
N LEU B 56 -24.97 -6.33 -5.88
CA LEU B 56 -24.71 -5.61 -7.12
C LEU B 56 -25.84 -4.62 -7.43
N ARG B 57 -25.48 -3.42 -7.87
CA ARG B 57 -26.47 -2.44 -8.30
C ARG B 57 -26.01 -1.78 -9.59
N VAL B 58 -26.96 -1.23 -10.33
CA VAL B 58 -26.64 -0.51 -11.56
C VAL B 58 -27.01 0.97 -11.43
N GLN B 59 -26.07 1.86 -11.76
CA GLN B 59 -26.37 3.28 -11.82
C GLN B 59 -26.42 3.72 -13.29
N LEU B 60 -27.47 4.45 -13.65
CA LEU B 60 -27.62 4.91 -15.03
C LEU B 60 -26.76 6.15 -15.31
N ARG B 61 -26.84 6.64 -16.55
CA ARG B 61 -25.99 7.75 -16.99
C ARG B 61 -25.92 8.87 -15.96
N GLU B 62 -24.70 9.17 -15.53
CA GLU B 62 -24.43 10.07 -14.42
C GLU B 62 -23.16 10.87 -14.74
N GLN B 63 -23.25 12.19 -14.78
CA GLN B 63 -22.09 13.01 -15.16
C GLN B 63 -20.90 12.84 -14.22
N HIS B 64 -21.20 12.77 -12.92
CA HIS B 64 -20.18 12.57 -11.89
C HIS B 64 -20.53 11.39 -11.00
N LEU B 65 -19.66 10.39 -10.96
CA LEU B 65 -19.87 9.23 -10.11
C LEU B 65 -20.20 9.59 -8.67
N TYR B 66 -21.18 8.89 -8.11
CA TYR B 66 -21.56 9.02 -6.70
C TYR B 66 -22.40 10.26 -6.34
N TYR B 67 -22.32 11.32 -7.14
CA TYR B 67 -23.00 12.57 -6.76
C TYR B 67 -24.48 12.42 -6.43
N GLN B 68 -25.27 11.95 -7.38
CA GLN B 68 -26.69 11.77 -7.12
C GLN B 68 -27.14 10.39 -7.59
N ASP B 69 -26.66 9.38 -6.87
CA ASP B 69 -26.92 8.00 -7.23
C ASP B 69 -28.41 7.66 -7.11
N GLN B 70 -28.90 6.92 -8.09
CA GLN B 70 -30.18 6.25 -7.99
C GLN B 70 -29.95 4.79 -8.44
N LEU B 71 -29.62 3.94 -7.47
CA LEU B 71 -29.17 2.58 -7.76
C LEU B 71 -30.30 1.62 -8.08
N LEU B 72 -30.09 0.82 -9.11
CA LEU B 72 -31.11 -0.12 -9.59
C LEU B 72 -30.72 -1.57 -9.34
N PRO B 73 -31.67 -2.36 -8.81
CA PRO B 73 -31.44 -3.79 -8.54
C PRO B 73 -31.39 -4.62 -9.82
N VAL B 74 -30.69 -5.75 -9.74
CA VAL B 74 -30.62 -6.67 -10.87
C VAL B 74 -31.36 -7.95 -10.51
N SER B 75 -32.16 -8.46 -11.43
CA SER B 75 -32.88 -9.71 -11.20
C SER B 75 -32.14 -10.91 -11.78
N ARG B 76 -31.36 -10.70 -12.83
CA ARG B 76 -30.63 -11.79 -13.46
C ARG B 76 -29.25 -11.40 -14.00
N ILE B 77 -28.27 -12.26 -13.77
CA ILE B 77 -26.96 -12.10 -14.42
C ILE B 77 -26.71 -13.27 -15.36
N ILE B 78 -26.42 -12.96 -16.61
CA ILE B 78 -26.30 -13.98 -17.65
C ILE B 78 -24.93 -13.86 -18.31
N VAL B 79 -24.05 -14.80 -18.01
CA VAL B 79 -22.67 -14.76 -18.48
C VAL B 79 -22.46 -15.82 -19.56
N HIS B 80 -21.78 -15.45 -20.64
CA HIS B 80 -21.56 -16.43 -21.69
C HIS B 80 -20.90 -17.68 -21.13
N PRO B 81 -21.51 -18.84 -21.37
CA PRO B 81 -21.00 -20.12 -20.85
C PRO B 81 -19.60 -20.43 -21.35
N GLN B 82 -19.17 -19.80 -22.45
CA GLN B 82 -17.83 -20.07 -22.96
C GLN B 82 -16.78 -19.26 -22.20
N PHE B 83 -17.21 -18.38 -21.32
CA PHE B 83 -16.25 -17.49 -20.66
C PHE B 83 -15.52 -18.11 -19.48
N TYR B 84 -14.20 -17.95 -19.48
CA TYR B 84 -13.39 -18.27 -18.32
C TYR B 84 -12.37 -17.17 -18.03
N THR B 85 -11.58 -16.78 -19.03
CA THR B 85 -10.72 -15.62 -18.91
C THR B 85 -10.89 -14.71 -20.11
N ALA B 86 -10.48 -13.45 -19.98
CA ALA B 86 -10.60 -12.50 -21.07
C ALA B 86 -9.74 -12.89 -22.28
N GLN B 87 -8.57 -13.46 -22.04
CA GLN B 87 -7.68 -13.86 -23.13
C GLN B 87 -8.24 -15.06 -23.91
N ILE B 88 -8.95 -15.94 -23.24
CA ILE B 88 -9.53 -17.06 -23.95
C ILE B 88 -10.72 -16.60 -24.78
N GLY B 89 -11.50 -15.65 -24.26
CA GLY B 89 -12.56 -15.07 -25.04
C GLY B 89 -13.95 -15.19 -24.43
N ALA B 90 -14.96 -14.86 -25.23
CA ALA B 90 -16.36 -14.82 -24.82
C ALA B 90 -16.57 -13.91 -23.62
N ASP B 91 -15.85 -12.79 -23.58
CA ASP B 91 -15.95 -11.86 -22.47
C ASP B 91 -17.16 -10.94 -22.60
N ILE B 92 -18.33 -11.52 -22.34
CA ILE B 92 -19.57 -10.80 -22.49
C ILE B 92 -20.63 -11.33 -21.53
N ALA B 93 -21.47 -10.43 -21.01
CA ALA B 93 -22.52 -10.82 -20.07
C ALA B 93 -23.68 -9.83 -20.07
N LEU B 94 -24.83 -10.29 -19.59
CA LEU B 94 -26.03 -9.46 -19.57
C LEU B 94 -26.60 -9.36 -18.17
N LEU B 95 -27.11 -8.19 -17.82
CA LEU B 95 -27.81 -7.99 -16.56
C LEU B 95 -29.26 -7.63 -16.86
N GLU B 96 -30.20 -8.39 -16.30
CA GLU B 96 -31.60 -8.05 -16.43
C GLU B 96 -31.98 -7.20 -15.23
N LEU B 97 -32.45 -5.98 -15.47
CA LEU B 97 -32.84 -5.09 -14.39
C LEU B 97 -34.16 -5.56 -13.80
N GLU B 98 -34.29 -5.41 -12.49
CA GLU B 98 -35.52 -5.80 -11.82
C GLU B 98 -36.70 -5.16 -12.53
N GLU B 99 -36.53 -3.91 -12.95
CA GLU B 99 -37.59 -3.18 -13.63
C GLU B 99 -37.07 -2.44 -14.84
N PRO B 100 -37.89 -2.35 -15.90
CA PRO B 100 -37.55 -1.55 -17.08
C PRO B 100 -37.23 -0.12 -16.67
N VAL B 101 -36.47 0.58 -17.50
CA VAL B 101 -36.09 1.96 -17.22
C VAL B 101 -37.07 2.96 -17.83
N LYS B 102 -37.36 4.02 -17.09
CA LYS B 102 -38.13 5.14 -17.64
C LYS B 102 -37.25 5.89 -18.62
N VAL B 103 -37.20 5.41 -19.85
CA VAL B 103 -36.29 5.97 -20.87
C VAL B 103 -36.50 7.47 -21.07
N SER B 104 -35.43 8.23 -20.91
CA SER B 104 -35.48 9.67 -21.03
C SER B 104 -34.70 10.17 -22.23
N SER B 105 -34.52 11.48 -22.33
CA SER B 105 -33.68 12.07 -23.35
C SER B 105 -32.23 12.04 -22.86
N HIS B 106 -32.05 12.01 -21.54
CA HIS B 106 -30.73 11.92 -20.94
C HIS B 106 -30.25 10.48 -20.85
N VAL B 107 -31.18 9.55 -20.80
CA VAL B 107 -30.85 8.13 -20.72
C VAL B 107 -31.65 7.29 -21.72
N HIS B 108 -30.96 6.61 -22.61
CA HIS B 108 -31.62 5.64 -23.48
C HIS B 108 -30.65 4.60 -24.03
N THR B 109 -31.19 3.62 -24.75
CA THR B 109 -30.40 2.50 -25.21
C THR B 109 -29.49 2.87 -26.37
N VAL B 110 -28.41 2.10 -26.54
CA VAL B 110 -27.56 2.21 -27.72
C VAL B 110 -27.98 1.12 -28.69
N THR B 111 -27.77 1.36 -29.98
CA THR B 111 -28.14 0.40 -31.01
C THR B 111 -27.02 -0.64 -31.20
N LEU B 112 -27.39 -1.92 -31.32
CA LEU B 112 -26.45 -2.97 -31.68
C LEU B 112 -26.24 -3.01 -33.19
N PRO B 113 -25.02 -3.33 -33.64
CA PRO B 113 -24.70 -3.29 -35.07
C PRO B 113 -25.29 -4.49 -35.80
N PRO B 114 -25.60 -4.32 -37.09
CA PRO B 114 -25.93 -5.48 -37.93
C PRO B 114 -24.81 -6.50 -37.90
N ALA B 115 -25.14 -7.77 -38.13
CA ALA B 115 -24.12 -8.81 -38.16
C ALA B 115 -23.05 -8.54 -39.21
N SER B 116 -23.41 -7.76 -40.23
CA SER B 116 -22.49 -7.50 -41.34
C SER B 116 -21.42 -6.43 -41.05
N GLU B 117 -21.64 -5.57 -40.06
CA GLU B 117 -20.71 -4.48 -39.81
C GLU B 117 -19.39 -4.99 -39.23
N THR B 118 -18.28 -4.59 -39.87
CA THR B 118 -16.97 -5.09 -39.53
C THR B 118 -16.14 -4.08 -38.75
N PHE B 119 -16.52 -2.81 -38.84
CA PHE B 119 -15.77 -1.71 -38.24
C PHE B 119 -14.30 -1.71 -38.66
N PRO B 120 -14.05 -1.40 -39.94
CA PRO B 120 -12.71 -1.33 -40.55
C PRO B 120 -11.96 -0.12 -40.04
N PRO B 121 -10.63 -0.15 -40.10
CA PRO B 121 -9.86 1.03 -39.72
C PRO B 121 -10.42 2.24 -40.46
N GLY B 122 -10.54 3.38 -39.79
CA GLY B 122 -11.04 4.59 -40.40
C GLY B 122 -12.38 5.04 -39.85
N MET B 123 -13.10 4.10 -39.24
CA MET B 123 -14.38 4.41 -38.64
C MET B 123 -14.12 5.30 -37.42
N PRO B 124 -15.00 6.29 -37.19
CA PRO B 124 -14.87 7.14 -36.00
C PRO B 124 -15.50 6.48 -34.77
N CYS B 125 -14.67 6.07 -33.81
CA CYS B 125 -15.15 5.37 -32.62
C CYS B 125 -14.72 6.06 -31.34
N TRP B 126 -15.57 5.97 -30.32
CA TRP B 126 -15.25 6.49 -28.99
C TRP B 126 -15.44 5.41 -27.93
N VAL B 127 -14.59 5.41 -26.93
CA VAL B 127 -14.80 4.58 -25.75
C VAL B 127 -15.02 5.53 -24.59
N THR B 128 -15.89 5.14 -23.66
CA THR B 128 -16.25 6.02 -22.57
C THR B 128 -16.24 5.22 -21.27
N GLY B 129 -15.97 5.91 -20.15
CA GLY B 129 -15.99 5.27 -18.86
C GLY B 129 -15.40 6.10 -17.73
N TRP B 130 -15.43 5.53 -16.54
CA TRP B 130 -14.96 6.20 -15.34
C TRP B 130 -13.71 5.51 -14.80
N GLY B 131 -12.96 4.86 -15.68
CA GLY B 131 -11.80 4.10 -15.26
C GLY B 131 -10.55 4.94 -15.09
N ASP B 132 -9.45 4.27 -14.76
CA ASP B 132 -8.16 4.94 -14.55
C ASP B 132 -7.77 5.78 -15.76
N VAL B 133 -7.07 6.87 -15.49
CA VAL B 133 -6.67 7.79 -16.54
C VAL B 133 -5.31 7.40 -17.09
N ASP B 134 -4.68 6.43 -16.44
CA ASP B 134 -3.46 5.84 -16.95
C ASP B 134 -3.10 4.66 -16.04
N ASN B 135 -2.02 3.98 -16.37
CA ASN B 135 -1.56 2.84 -15.58
C ASN B 135 -1.38 3.21 -14.11
N ASP B 136 -2.13 2.53 -13.24
CA ASP B 136 -1.98 2.70 -11.79
C ASP B 136 -2.39 4.09 -11.31
N GLU B 137 -3.19 4.79 -12.10
CA GLU B 137 -3.53 6.18 -11.82
C GLU B 137 -5.05 6.41 -11.89
N ARG B 138 -5.68 6.50 -10.71
CA ARG B 138 -7.14 6.57 -10.61
C ARG B 138 -7.74 7.83 -11.21
N LEU B 139 -9.01 7.75 -11.61
CA LEU B 139 -9.75 8.94 -12.00
C LEU B 139 -9.99 9.78 -10.75
N PRO B 140 -9.58 11.05 -10.78
CA PRO B 140 -9.69 11.91 -9.59
C PRO B 140 -11.12 12.39 -9.35
N PRO B 141 -11.50 12.61 -8.08
CA PRO B 141 -12.80 13.25 -7.82
C PRO B 141 -12.87 14.58 -8.57
N PRO B 142 -14.08 15.00 -8.97
CA PRO B 142 -15.35 14.34 -8.68
C PRO B 142 -15.78 13.31 -9.73
N PHE B 143 -14.82 12.57 -10.27
CA PHE B 143 -15.12 11.43 -11.13
C PHE B 143 -16.07 11.75 -12.29
N PRO B 144 -15.65 12.63 -13.21
CA PRO B 144 -16.50 12.93 -14.37
C PRO B 144 -16.47 11.77 -15.37
N LEU B 145 -17.53 11.58 -16.13
CA LEU B 145 -17.49 10.58 -17.21
C LEU B 145 -16.50 11.04 -18.28
N LYS B 146 -15.63 10.16 -18.73
CA LYS B 146 -14.65 10.52 -19.74
C LYS B 146 -14.90 9.82 -21.08
N GLN B 147 -14.41 10.41 -22.15
CA GLN B 147 -14.53 9.82 -23.48
C GLN B 147 -13.20 10.02 -24.20
N VAL B 148 -12.87 9.08 -25.08
CA VAL B 148 -11.71 9.25 -25.94
C VAL B 148 -11.96 8.63 -27.32
N LYS B 149 -11.56 9.37 -28.36
CA LYS B 149 -11.61 8.86 -29.71
C LYS B 149 -10.42 7.91 -29.94
N VAL B 150 -10.71 6.72 -30.44
CA VAL B 150 -9.67 5.71 -30.59
C VAL B 150 -9.66 5.16 -32.01
N PRO B 151 -8.47 4.90 -32.54
CA PRO B 151 -8.39 4.36 -33.90
C PRO B 151 -8.61 2.86 -33.87
N ILE B 152 -9.42 2.36 -34.79
CA ILE B 152 -9.62 0.91 -34.89
C ILE B 152 -8.57 0.33 -35.82
N MET B 153 -8.20 -0.92 -35.58
CA MET B 153 -7.29 -1.62 -36.48
C MET B 153 -7.78 -3.02 -36.78
N GLU B 154 -7.45 -3.53 -37.96
CA GLU B 154 -7.82 -4.89 -38.30
C GLU B 154 -7.23 -5.88 -37.31
N ASN B 155 -7.93 -6.99 -37.13
CA ASN B 155 -7.52 -8.02 -36.19
C ASN B 155 -6.14 -8.62 -36.44
N HIS B 156 -5.80 -8.89 -37.70
CA HIS B 156 -4.53 -9.54 -37.97
C HIS B 156 -3.37 -8.62 -37.57
N ILE B 157 -3.56 -7.31 -37.72
CA ILE B 157 -2.53 -6.36 -37.32
C ILE B 157 -2.40 -6.26 -35.79
N CYS B 158 -3.53 -6.21 -35.12
CA CYS B 158 -3.55 -6.17 -33.67
C CYS B 158 -2.93 -7.44 -33.07
N ASP B 159 -3.27 -8.58 -33.65
CA ASP B 159 -2.69 -9.84 -33.21
C ASP B 159 -1.17 -9.84 -33.43
N ALA B 160 -0.74 -9.44 -34.62
CA ALA B 160 0.70 -9.40 -34.92
C ALA B 160 1.40 -8.40 -33.99
N LYS B 161 0.78 -7.26 -33.74
CA LYS B 161 1.34 -6.29 -32.80
C LYS B 161 1.60 -6.92 -31.43
N TYR B 162 0.65 -7.70 -30.93
CA TYR B 162 0.83 -8.37 -29.64
C TYR B 162 1.99 -9.35 -29.61
N HIS B 163 2.45 -9.83 -30.77
CA HIS B 163 3.60 -10.75 -30.80
C HIS B 163 4.93 -10.01 -30.83
N LEU B 164 4.89 -8.71 -31.11
CA LEU B 164 6.10 -7.91 -31.07
C LEU B 164 6.58 -7.81 -29.63
N GLY B 165 7.85 -8.12 -29.39
CA GLY B 165 8.41 -8.10 -28.06
C GLY B 165 7.86 -9.20 -27.14
N ALA B 166 7.46 -10.32 -27.73
CA ALA B 166 6.94 -11.44 -26.95
C ALA B 166 7.51 -12.76 -27.43
N TYR B 167 7.53 -13.75 -26.53
CA TYR B 167 8.05 -15.07 -26.86
C TYR B 167 7.06 -15.88 -27.70
N THR B 168 5.79 -15.50 -27.65
CA THR B 168 4.74 -16.33 -28.25
C THR B 168 4.95 -16.52 -29.75
N GLY B 169 4.86 -17.76 -30.22
CA GLY B 169 5.01 -18.04 -31.64
C GLY B 169 4.07 -17.20 -32.49
N ASP B 170 4.61 -16.61 -33.57
CA ASP B 170 3.80 -15.78 -34.46
C ASP B 170 2.53 -16.48 -34.95
N ASP B 171 2.61 -17.81 -35.08
CA ASP B 171 1.48 -18.61 -35.55
C ASP B 171 0.46 -18.93 -34.45
N VAL B 172 0.78 -18.55 -33.23
CA VAL B 172 -0.12 -18.81 -32.10
C VAL B 172 -1.00 -17.60 -31.87
N ARG B 173 -2.31 -17.75 -32.06
CA ARG B 173 -3.19 -16.59 -32.04
C ARG B 173 -3.37 -15.99 -30.64
N ILE B 174 -3.23 -14.67 -30.55
CA ILE B 174 -3.44 -13.96 -29.30
C ILE B 174 -4.76 -13.19 -29.29
N VAL B 175 -5.00 -12.38 -30.32
CA VAL B 175 -6.26 -11.68 -30.49
C VAL B 175 -7.18 -12.54 -31.35
N ARG B 176 -8.23 -13.07 -30.74
CA ARG B 176 -9.15 -13.99 -31.43
C ARG B 176 -10.17 -13.27 -32.29
N ASP B 177 -10.95 -14.05 -33.05
CA ASP B 177 -11.93 -13.47 -33.97
C ASP B 177 -13.12 -12.85 -33.26
N ASP B 178 -13.35 -13.22 -32.01
CA ASP B 178 -14.44 -12.60 -31.27
C ASP B 178 -14.00 -11.32 -30.53
N MET B 179 -12.83 -10.82 -30.89
CA MET B 179 -12.30 -9.61 -30.28
C MET B 179 -12.16 -8.50 -31.31
N LEU B 180 -11.85 -7.30 -30.85
CA LEU B 180 -11.76 -6.16 -31.73
C LEU B 180 -10.77 -5.21 -31.08
N CYS B 181 -9.88 -4.62 -31.87
CA CYS B 181 -8.79 -3.81 -31.32
C CYS B 181 -8.89 -2.34 -31.66
N ALA B 182 -8.55 -1.50 -30.69
CA ALA B 182 -8.61 -0.06 -30.87
C ALA B 182 -7.72 0.62 -29.83
N GLY B 183 -7.18 1.78 -30.18
CA GLY B 183 -6.38 2.57 -29.26
C GLY B 183 -4.93 2.69 -29.71
N ASN B 184 -4.19 3.61 -29.10
CA ASN B 184 -2.74 3.73 -29.33
C ASN B 184 -2.02 4.12 -28.03
N THR B 185 -0.80 4.65 -28.13
CA THR B 185 -0.06 5.02 -26.92
C THR B 185 -0.53 6.31 -26.24
N ARG B 186 -1.58 6.94 -26.74
CA ARG B 186 -2.12 8.14 -26.09
C ARG B 186 -3.61 8.06 -25.81
N ARG B 187 -4.30 7.14 -26.48
CA ARG B 187 -5.74 6.99 -26.33
C ARG B 187 -6.09 5.52 -26.08
N ASP B 188 -6.77 5.25 -24.97
CA ASP B 188 -7.08 3.86 -24.61
C ASP B 188 -8.13 3.78 -23.50
N SER B 189 -8.66 2.58 -23.29
CA SER B 189 -9.48 2.27 -22.13
C SER B 189 -8.53 1.69 -21.10
N CYS B 190 -9.00 1.55 -19.88
CA CYS B 190 -8.15 1.07 -18.80
C CYS B 190 -9.02 0.53 -17.69
N GLN B 191 -8.40 0.17 -16.57
CA GLN B 191 -9.10 -0.50 -15.49
C GLN B 191 -10.23 0.36 -14.92
N GLY B 192 -11.43 -0.21 -14.87
CA GLY B 192 -12.60 0.53 -14.44
C GLY B 192 -13.46 0.88 -15.64
N ASP B 193 -12.86 0.82 -16.82
CA ASP B 193 -13.61 1.05 -18.05
C ASP B 193 -14.20 -0.27 -18.55
N SER B 194 -13.69 -1.37 -18.00
CA SER B 194 -14.11 -2.72 -18.41
C SER B 194 -15.62 -2.85 -18.41
N GLY B 195 -16.15 -3.54 -19.41
CA GLY B 195 -17.59 -3.75 -19.50
C GLY B 195 -18.27 -2.63 -20.29
N GLY B 196 -17.70 -1.43 -20.24
CA GLY B 196 -18.24 -0.30 -20.94
C GLY B 196 -18.21 -0.47 -22.44
N PRO B 197 -18.84 0.47 -23.17
CA PRO B 197 -19.01 0.35 -24.61
C PRO B 197 -18.00 1.12 -25.46
N LEU B 198 -17.61 0.51 -26.57
CA LEU B 198 -16.95 1.19 -27.68
C LEU B 198 -18.00 1.37 -28.77
N VAL B 199 -18.32 2.62 -29.10
CA VAL B 199 -19.33 2.92 -30.10
C VAL B 199 -18.75 3.61 -31.33
N CYS B 200 -19.35 3.33 -32.49
CA CYS B 200 -18.90 3.90 -33.74
C CYS B 200 -20.08 4.53 -34.49
N LYS B 201 -19.88 5.75 -34.98
CA LYS B 201 -20.94 6.40 -35.72
C LYS B 201 -20.96 5.86 -37.15
N VAL B 202 -21.99 5.09 -37.48
CA VAL B 202 -22.10 4.49 -38.80
C VAL B 202 -23.38 4.97 -39.47
N ASN B 203 -23.26 5.54 -40.67
CA ASN B 203 -24.41 6.03 -41.40
C ASN B 203 -25.33 6.83 -40.48
N GLY B 204 -24.76 7.81 -39.78
CA GLY B 204 -25.54 8.66 -38.90
C GLY B 204 -26.01 7.99 -37.61
N THR B 205 -25.71 6.71 -37.46
CA THR B 205 -26.14 5.99 -36.26
C THR B 205 -24.98 5.45 -35.43
N TRP B 206 -24.99 5.80 -34.15
CA TRP B 206 -24.03 5.25 -33.20
C TRP B 206 -24.35 3.79 -32.98
N LEU B 207 -23.40 2.93 -33.32
CA LEU B 207 -23.56 1.50 -33.09
C LEU B 207 -22.53 1.03 -32.06
N GLN B 208 -22.91 0.14 -31.16
CA GLN B 208 -21.94 -0.40 -30.22
C GLN B 208 -21.11 -1.54 -30.82
N ALA B 209 -19.92 -1.20 -31.28
CA ALA B 209 -19.01 -2.16 -31.88
C ALA B 209 -18.42 -3.13 -30.86
N GLY B 210 -18.21 -2.68 -29.62
CA GLY B 210 -17.44 -3.48 -28.70
C GLY B 210 -17.68 -3.29 -27.22
N VAL B 211 -17.11 -4.21 -26.44
CA VAL B 211 -17.16 -4.16 -24.99
C VAL B 211 -15.74 -4.20 -24.42
N VAL B 212 -15.36 -3.13 -23.69
CA VAL B 212 -14.02 -3.06 -23.07
C VAL B 212 -13.70 -4.39 -22.38
N SER B 213 -12.62 -5.04 -22.79
CA SER B 213 -12.30 -6.35 -22.26
C SER B 213 -10.94 -6.47 -21.55
N TRP B 214 -9.85 -6.31 -22.29
CA TRP B 214 -8.52 -6.46 -21.69
C TRP B 214 -7.44 -5.85 -22.56
N GLY B 215 -6.19 -6.17 -22.23
CA GLY B 215 -5.03 -5.70 -22.95
C GLY B 215 -3.86 -5.81 -21.99
N GLU B 216 -2.64 -5.64 -22.48
CA GLU B 216 -1.49 -5.58 -21.58
C GLU B 216 -1.24 -4.12 -21.18
N GLY B 217 -1.67 -3.75 -19.98
CA GLY B 217 -1.59 -2.38 -19.54
C GLY B 217 -2.53 -1.48 -20.32
N CYS B 218 -2.23 -0.19 -20.33
CA CYS B 218 -3.04 0.78 -21.04
C CYS B 218 -2.13 1.73 -21.79
N ALA B 219 -2.45 1.96 -23.07
CA ALA B 219 -1.68 2.89 -23.87
C ALA B 219 -0.19 2.50 -23.94
N GLN B 220 0.09 1.21 -23.88
CA GLN B 220 1.45 0.69 -24.03
C GLN B 220 1.75 0.38 -25.49
N PRO B 221 3.01 0.59 -25.91
CA PRO B 221 3.37 0.36 -27.31
C PRO B 221 3.11 -1.06 -27.79
N ASN B 222 2.47 -1.17 -28.96
CA ASN B 222 2.16 -2.46 -29.58
C ASN B 222 1.23 -3.31 -28.71
N ARG B 223 0.50 -2.65 -27.82
CA ARG B 223 -0.51 -3.35 -27.03
C ARG B 223 -1.83 -2.57 -27.01
N PRO B 224 -2.47 -2.42 -28.18
CA PRO B 224 -3.76 -1.71 -28.23
C PRO B 224 -4.81 -2.35 -27.33
N GLY B 225 -5.86 -1.60 -27.03
CA GLY B 225 -6.94 -2.08 -26.18
C GLY B 225 -7.77 -3.13 -26.89
N ILE B 226 -8.19 -4.16 -26.16
CA ILE B 226 -8.96 -5.22 -26.76
C ILE B 226 -10.40 -5.24 -26.24
N TYR B 227 -11.35 -5.32 -27.18
CA TYR B 227 -12.75 -5.26 -26.88
C TYR B 227 -13.39 -6.55 -27.33
N THR B 228 -14.50 -6.93 -26.71
CA THR B 228 -15.28 -8.04 -27.19
C THR B 228 -16.08 -7.56 -28.40
N ARG B 229 -16.04 -8.33 -29.48
CA ARG B 229 -16.69 -7.93 -30.73
C ARG B 229 -18.17 -8.25 -30.67
N VAL B 230 -18.98 -7.22 -30.49
CA VAL B 230 -20.42 -7.37 -30.32
C VAL B 230 -21.09 -8.21 -31.44
N THR B 231 -20.76 -7.97 -32.70
CA THR B 231 -21.40 -8.73 -33.79
C THR B 231 -21.24 -10.24 -33.63
N TYR B 232 -20.12 -10.66 -33.05
CA TYR B 232 -19.87 -12.07 -32.87
C TYR B 232 -20.98 -12.71 -32.03
N TYR B 233 -21.50 -11.97 -31.06
CA TYR B 233 -22.43 -12.53 -30.07
C TYR B 233 -23.90 -12.09 -30.21
N LEU B 234 -24.26 -11.55 -31.37
CA LEU B 234 -25.65 -11.13 -31.60
C LEU B 234 -26.63 -12.28 -31.31
N ASP B 235 -26.35 -13.46 -31.87
CA ASP B 235 -27.18 -14.64 -31.67
C ASP B 235 -27.43 -14.90 -30.19
N TRP B 236 -26.36 -14.90 -29.41
CA TRP B 236 -26.45 -15.14 -27.98
C TRP B 236 -27.26 -14.06 -27.28
N ILE B 237 -26.95 -12.80 -27.58
CA ILE B 237 -27.69 -11.67 -27.01
C ILE B 237 -29.19 -11.78 -27.26
N HIS B 238 -29.55 -12.24 -28.46
CA HIS B 238 -30.95 -12.28 -28.87
C HIS B 238 -31.73 -13.43 -28.26
N HIS B 239 -31.03 -14.39 -27.67
CA HIS B 239 -31.69 -15.45 -26.93
C HIS B 239 -32.35 -14.87 -25.69
N TYR B 240 -31.88 -13.70 -25.25
CA TYR B 240 -32.33 -13.12 -23.99
C TYR B 240 -32.96 -11.74 -24.14
N VAL B 241 -32.36 -10.89 -24.96
CA VAL B 241 -32.88 -9.53 -25.12
C VAL B 241 -33.80 -9.45 -26.33
N PRO B 242 -35.03 -8.96 -26.11
CA PRO B 242 -35.99 -8.74 -27.21
C PRO B 242 -35.48 -7.69 -28.18
N LYS B 243 -35.52 -8.01 -29.47
N ILE C 1 -14.68 12.77 10.79
CA ILE C 1 -15.63 12.75 11.90
C ILE C 1 -16.01 11.32 12.31
N VAL C 2 -15.79 10.98 13.57
CA VAL C 2 -16.17 9.65 14.07
C VAL C 2 -17.55 9.70 14.77
N GLY C 3 -18.50 8.92 14.28
CA GLY C 3 -19.86 9.01 14.78
C GLY C 3 -20.59 10.17 14.12
N GLY C 4 -21.68 10.62 14.73
CA GLY C 4 -22.42 11.73 14.14
C GLY C 4 -22.93 11.43 12.74
N GLN C 5 -23.12 12.46 11.92
CA GLN C 5 -23.85 12.30 10.67
C GLN C 5 -23.62 13.44 9.69
N GLU C 6 -24.22 13.31 8.51
CA GLU C 6 -24.12 14.33 7.48
C GLU C 6 -24.77 15.63 7.93
N ALA C 7 -24.08 16.74 7.74
CA ALA C 7 -24.58 18.03 8.15
C ALA C 7 -25.66 18.52 7.19
N PRO C 8 -26.76 19.04 7.74
CA PRO C 8 -27.79 19.69 6.92
C PRO C 8 -27.17 20.87 6.17
N ARG C 9 -27.77 21.25 5.06
CA ARG C 9 -27.17 22.25 4.17
C ARG C 9 -27.08 23.66 4.76
N SER C 10 -27.95 23.97 5.71
CA SER C 10 -27.97 25.31 6.29
C SER C 10 -26.89 25.52 7.35
N LYS C 11 -26.32 24.44 7.87
CA LYS C 11 -25.44 24.55 9.04
C LYS C 11 -23.96 24.72 8.68
N TRP C 12 -23.26 25.40 9.57
CA TRP C 12 -21.80 25.54 9.49
C TRP C 12 -21.33 26.27 8.23
N PRO C 13 -21.87 27.47 7.97
CA PRO C 13 -21.52 28.25 6.77
C PRO C 13 -20.06 28.74 6.78
N TRP C 14 -19.38 28.60 7.91
CA TRP C 14 -17.99 29.03 8.04
C TRP C 14 -16.96 27.94 7.70
N GLN C 15 -17.41 26.70 7.62
CA GLN C 15 -16.48 25.59 7.38
C GLN C 15 -15.82 25.72 6.02
N VAL C 16 -14.51 25.51 5.96
CA VAL C 16 -13.79 25.54 4.67
C VAL C 16 -12.93 24.30 4.45
N SER C 17 -12.45 24.14 3.22
CA SER C 17 -11.63 23.00 2.86
C SER C 17 -10.31 23.49 2.29
N LEU C 18 -9.20 23.02 2.86
CA LEU C 18 -7.86 23.37 2.38
C LEU C 18 -7.39 22.34 1.37
N ARG C 19 -6.94 22.82 0.20
CA ARG C 19 -6.58 21.96 -0.91
C ARG C 19 -5.10 22.08 -1.31
N VAL C 20 -4.46 20.94 -1.57
CA VAL C 20 -3.08 20.92 -2.05
C VAL C 20 -3.02 20.52 -3.53
N HIS C 21 -2.11 21.15 -4.27
CA HIS C 21 -2.01 20.86 -5.71
C HIS C 21 -1.50 19.46 -5.96
N GLY C 22 -1.89 18.87 -7.08
CA GLY C 22 -1.45 17.53 -7.44
C GLY C 22 -2.25 16.99 -8.61
N PRO C 23 -2.44 15.67 -8.66
CA PRO C 23 -3.32 15.05 -9.66
C PRO C 23 -4.67 15.76 -9.66
N TYR C 24 -5.10 16.20 -8.48
CA TYR C 24 -6.27 17.05 -8.35
C TYR C 24 -6.11 17.90 -7.08
N TRP C 25 -6.92 18.94 -6.94
CA TRP C 25 -6.78 19.81 -5.78
C TRP C 25 -7.38 19.09 -4.57
N MET C 26 -6.56 18.27 -3.93
CA MET C 26 -7.02 17.34 -2.92
C MET C 26 -7.18 17.98 -1.54
N HIS C 27 -8.26 17.64 -0.86
CA HIS C 27 -8.50 18.14 0.50
C HIS C 27 -7.53 17.48 1.45
N PHE C 28 -6.86 18.29 2.27
CA PHE C 28 -5.95 17.75 3.28
C PHE C 28 -6.30 18.20 4.71
N CYS C 29 -7.03 19.30 4.85
CA CYS C 29 -7.38 19.83 6.16
C CYS C 29 -8.61 20.73 6.10
N GLY C 30 -9.21 20.97 7.26
CA GLY C 30 -10.32 21.89 7.36
C GLY C 30 -9.87 23.24 7.92
N GLY C 31 -10.82 24.14 8.09
CA GLY C 31 -10.56 25.44 8.67
C GLY C 31 -11.88 26.15 8.84
N SER C 32 -11.82 27.42 9.22
CA SER C 32 -13.05 28.19 9.38
C SER C 32 -12.85 29.61 8.89
N LEU C 33 -13.88 30.19 8.28
CA LEU C 33 -13.84 31.57 7.89
C LEU C 33 -14.16 32.45 9.11
N ILE C 34 -13.19 33.25 9.54
CA ILE C 34 -13.38 34.13 10.70
C ILE C 34 -13.54 35.59 10.30
N HIS C 35 -13.37 35.84 9.01
CA HIS C 35 -13.45 37.18 8.48
C HIS C 35 -13.50 37.01 6.98
N PRO C 36 -14.13 37.95 6.27
CA PRO C 36 -14.30 37.79 4.83
C PRO C 36 -12.99 37.53 4.08
N GLN C 37 -11.85 37.89 4.68
CA GLN C 37 -10.56 37.66 4.02
C GLN C 37 -9.59 36.76 4.81
N TRP C 38 -10.07 36.08 5.84
CA TRP C 38 -9.20 35.28 6.69
C TRP C 38 -9.81 33.95 7.14
N VAL C 39 -9.01 32.89 7.06
CA VAL C 39 -9.39 31.55 7.46
C VAL C 39 -8.54 31.07 8.63
N LEU C 40 -9.18 30.58 9.69
CA LEU C 40 -8.46 30.05 10.83
C LEU C 40 -8.28 28.55 10.67
N THR C 41 -7.04 28.07 10.81
CA THR C 41 -6.74 26.64 10.70
C THR C 41 -5.66 26.20 11.69
N ALA C 42 -5.21 24.94 11.57
CA ALA C 42 -4.15 24.42 12.44
C ALA C 42 -2.78 24.63 11.82
N ALA C 43 -1.81 25.01 12.66
CA ALA C 43 -0.46 25.23 12.17
C ALA C 43 0.12 23.97 11.52
N HIS C 44 -0.19 22.81 12.05
CA HIS C 44 0.40 21.58 11.54
C HIS C 44 -0.13 21.19 10.17
N CYS C 45 -1.24 21.79 9.76
CA CYS C 45 -1.75 21.59 8.41
C CYS C 45 -0.85 22.26 7.36
N VAL C 46 -0.17 23.33 7.77
CA VAL C 46 0.61 24.14 6.85
C VAL C 46 2.01 24.45 7.40
N GLY C 47 2.54 23.57 8.24
CA GLY C 47 3.86 23.77 8.81
C GLY C 47 4.37 22.55 9.55
N PRO C 48 5.54 22.67 10.20
CA PRO C 48 6.30 23.91 10.35
C PRO C 48 7.13 24.23 9.12
N ASP C 49 7.21 23.31 8.16
CA ASP C 49 7.95 23.55 6.92
C ASP C 49 7.26 24.55 6.01
N VAL C 50 7.99 25.54 5.52
CA VAL C 50 7.36 26.61 4.76
C VAL C 50 6.82 26.11 3.43
N LYS C 51 5.59 26.49 3.14
CA LYS C 51 4.86 25.94 2.00
C LYS C 51 4.87 26.88 0.81
N ASP C 52 4.68 26.32 -0.38
CA ASP C 52 4.51 27.12 -1.59
C ASP C 52 3.05 27.55 -1.70
N LEU C 53 2.81 28.86 -1.64
CA LEU C 53 1.46 29.37 -1.69
C LEU C 53 0.72 28.97 -2.96
N ALA C 54 1.45 28.85 -4.07
CA ALA C 54 0.85 28.49 -5.34
C ALA C 54 0.29 27.08 -5.32
N ALA C 55 0.73 26.28 -4.36
CA ALA C 55 0.27 24.90 -4.25
C ALA C 55 -0.94 24.77 -3.33
N LEU C 56 -1.48 25.90 -2.90
CA LEU C 56 -2.57 25.93 -1.92
C LEU C 56 -3.80 26.69 -2.43
N ARG C 57 -4.99 26.18 -2.09
CA ARG C 57 -6.24 26.87 -2.40
C ARG C 57 -7.21 26.64 -1.26
N VAL C 58 -8.19 27.53 -1.14
CA VAL C 58 -9.25 27.43 -0.14
C VAL C 58 -10.59 27.22 -0.82
N GLN C 59 -11.41 26.36 -0.25
CA GLN C 59 -12.75 26.11 -0.79
C GLN C 59 -13.78 26.37 0.29
N LEU C 60 -14.67 27.33 0.05
CA LEU C 60 -15.69 27.66 1.02
C LEU C 60 -16.70 26.52 1.16
N ARG C 61 -17.66 26.67 2.07
CA ARG C 61 -18.52 25.55 2.42
C ARG C 61 -19.11 24.84 1.21
N GLU C 62 -19.02 23.51 1.24
CA GLU C 62 -19.54 22.64 0.21
C GLU C 62 -20.26 21.50 0.90
N GLN C 63 -21.40 21.07 0.36
CA GLN C 63 -22.08 19.92 0.91
C GLN C 63 -21.31 18.65 0.62
N HIS C 64 -20.73 18.58 -0.57
CA HIS C 64 -19.96 17.41 -1.00
C HIS C 64 -18.61 17.82 -1.56
N LEU C 65 -17.54 17.34 -0.94
CA LEU C 65 -16.20 17.68 -1.42
C LEU C 65 -16.07 17.41 -2.90
N TYR C 66 -15.56 18.40 -3.64
CA TYR C 66 -15.12 18.23 -5.03
C TYR C 66 -16.20 18.51 -6.07
N TYR C 67 -17.45 18.22 -5.73
CA TYR C 67 -18.55 18.52 -6.64
C TYR C 67 -18.84 20.01 -6.58
N GLN C 68 -18.55 20.71 -7.68
CA GLN C 68 -18.75 22.16 -7.76
C GLN C 68 -17.72 22.96 -6.96
N ASP C 69 -16.44 22.70 -7.22
CA ASP C 69 -15.36 23.45 -6.56
C ASP C 69 -15.29 24.88 -7.07
N GLN C 70 -14.98 25.80 -6.16
CA GLN C 70 -14.70 27.19 -6.54
C GLN C 70 -13.52 27.68 -5.70
N LEU C 71 -12.34 27.22 -6.05
CA LEU C 71 -11.15 27.39 -5.24
C LEU C 71 -10.60 28.83 -5.20
N LEU C 72 -10.28 29.30 -4.00
CA LEU C 72 -9.78 30.65 -3.81
C LEU C 72 -8.28 30.66 -3.50
N PRO C 73 -7.53 31.55 -4.17
CA PRO C 73 -6.10 31.63 -3.89
C PRO C 73 -5.85 32.29 -2.54
N VAL C 74 -4.63 32.15 -2.05
CA VAL C 74 -4.23 32.62 -0.73
C VAL C 74 -3.03 33.55 -0.88
N SER C 75 -3.08 34.72 -0.26
CA SER C 75 -1.99 35.69 -0.42
C SER C 75 -0.94 35.63 0.70
N ARG C 76 -1.34 35.16 1.88
CA ARG C 76 -0.40 35.06 2.99
C ARG C 76 -0.70 33.87 3.86
N ILE C 77 0.35 33.19 4.29
CA ILE C 77 0.23 32.16 5.30
C ILE C 77 0.94 32.68 6.54
N ILE C 78 0.24 32.65 7.67
CA ILE C 78 0.80 33.10 8.93
C ILE C 78 0.72 32.00 9.97
N VAL C 79 1.86 31.42 10.29
CA VAL C 79 1.92 30.32 11.23
C VAL C 79 2.49 30.83 12.55
N HIS C 80 1.80 30.53 13.64
CA HIS C 80 2.26 30.99 14.95
C HIS C 80 3.70 30.58 15.15
N PRO C 81 4.56 31.54 15.55
CA PRO C 81 6.00 31.26 15.55
C PRO C 81 6.44 30.30 16.64
N GLN C 82 5.56 30.00 17.58
CA GLN C 82 5.90 29.04 18.63
C GLN C 82 5.57 27.61 18.20
N PHE C 83 5.00 27.45 17.02
CA PHE C 83 4.60 26.12 16.59
C PHE C 83 5.75 25.29 16.01
N TYR C 84 5.93 24.09 16.54
CA TYR C 84 6.79 23.10 15.89
C TYR C 84 6.08 21.75 15.78
N THR C 85 5.44 21.31 16.86
CA THR C 85 4.54 20.17 16.81
C THR C 85 3.28 20.40 17.63
N ALA C 86 2.25 19.61 17.33
CA ALA C 86 0.97 19.74 17.98
C ALA C 86 1.02 19.35 19.46
N GLN C 87 2.00 18.53 19.83
CA GLN C 87 2.11 18.12 21.24
C GLN C 87 2.74 19.24 22.08
N ILE C 88 3.61 20.02 21.45
CA ILE C 88 4.28 21.13 22.13
C ILE C 88 3.30 22.27 22.32
N GLY C 89 2.54 22.59 21.27
CA GLY C 89 1.48 23.57 21.36
C GLY C 89 1.48 24.59 20.23
N ALA C 90 0.75 25.68 20.44
CA ALA C 90 0.68 26.76 19.48
C ALA C 90 0.23 26.29 18.10
N ASP C 91 -0.66 25.30 18.08
CA ASP C 91 -1.09 24.71 16.81
C ASP C 91 -2.22 25.52 16.19
N ILE C 92 -1.86 26.64 15.57
CA ILE C 92 -2.83 27.56 15.01
C ILE C 92 -2.13 28.36 13.92
N ALA C 93 -2.88 28.70 12.87
CA ALA C 93 -2.36 29.49 11.76
C ALA C 93 -3.49 30.24 11.07
N LEU C 94 -3.12 31.23 10.26
CA LEU C 94 -4.08 32.08 9.57
C LEU C 94 -3.75 32.08 8.08
N LEU C 95 -4.78 32.02 7.26
CA LEU C 95 -4.61 32.14 5.82
C LEU C 95 -5.34 33.39 5.36
N GLU C 96 -4.62 34.27 4.67
CA GLU C 96 -5.26 35.44 4.09
C GLU C 96 -5.66 35.13 2.66
N LEU C 97 -6.94 35.28 2.35
CA LEU C 97 -7.40 35.11 0.98
C LEU C 97 -6.89 36.29 0.14
N GLU C 98 -6.59 36.05 -1.13
CA GLU C 98 -6.12 37.12 -1.99
C GLU C 98 -7.19 38.20 -2.16
N GLU C 99 -8.46 37.81 -2.06
CA GLU C 99 -9.57 38.74 -2.19
C GLU C 99 -10.60 38.48 -1.10
N PRO C 100 -11.22 39.55 -0.59
CA PRO C 100 -12.32 39.42 0.37
C PRO C 100 -13.39 38.51 -0.21
N VAL C 101 -14.08 37.77 0.65
CA VAL C 101 -15.16 36.90 0.18
C VAL C 101 -16.50 37.62 0.24
N LYS C 102 -17.36 37.38 -0.75
CA LYS C 102 -18.71 37.92 -0.70
C LYS C 102 -19.56 37.13 0.29
N VAL C 103 -19.68 37.64 1.52
CA VAL C 103 -20.48 36.98 2.55
C VAL C 103 -21.93 36.82 2.09
N SER C 104 -22.48 35.62 2.28
CA SER C 104 -23.66 35.19 1.53
C SER C 104 -24.95 35.00 2.35
N SER C 105 -24.93 33.97 3.19
CA SER C 105 -26.11 33.48 3.92
C SER C 105 -25.88 32.01 4.18
N HIS C 106 -25.31 31.33 3.19
CA HIS C 106 -24.81 29.97 3.36
C HIS C 106 -23.29 29.98 3.29
N VAL C 107 -22.73 31.17 3.53
CA VAL C 107 -21.32 31.35 3.80
C VAL C 107 -21.16 32.58 4.71
N HIS C 108 -21.10 32.33 6.02
CA HIS C 108 -20.86 33.39 7.00
C HIS C 108 -19.57 33.11 7.74
N THR C 109 -19.08 34.12 8.44
CA THR C 109 -17.96 33.91 9.34
C THR C 109 -18.47 33.31 10.64
N VAL C 110 -17.58 32.69 11.38
CA VAL C 110 -17.92 32.19 12.70
C VAL C 110 -17.43 33.21 13.71
N THR C 111 -18.15 33.36 14.82
CA THR C 111 -17.74 34.29 15.88
C THR C 111 -16.68 33.68 16.79
N LEU C 112 -15.64 34.45 17.07
CA LEU C 112 -14.64 34.01 18.04
C LEU C 112 -15.08 34.35 19.46
N PRO C 113 -14.67 33.53 20.44
CA PRO C 113 -15.08 33.70 21.83
C PRO C 113 -14.53 34.97 22.46
N PRO C 114 -15.24 35.52 23.46
CA PRO C 114 -14.66 36.60 24.25
C PRO C 114 -13.46 36.08 25.03
N ALA C 115 -12.56 36.99 25.39
CA ALA C 115 -11.29 36.63 26.02
C ALA C 115 -11.42 35.78 27.29
N SER C 116 -12.57 35.83 27.94
CA SER C 116 -12.73 35.11 29.20
C SER C 116 -13.23 33.68 29.06
N GLU C 117 -14.00 33.40 28.00
CA GLU C 117 -14.76 32.15 27.89
C GLU C 117 -14.02 30.89 28.34
N THR C 118 -14.76 30.00 29.00
CA THR C 118 -14.18 28.78 29.55
C THR C 118 -14.66 27.48 28.89
N PHE C 119 -15.92 27.42 28.49
CA PHE C 119 -16.52 26.19 27.97
C PHE C 119 -16.35 25.06 28.99
N PRO C 120 -17.29 24.96 29.95
CA PRO C 120 -17.24 24.04 31.09
C PRO C 120 -17.42 22.59 30.68
N PRO C 121 -17.01 21.66 31.57
CA PRO C 121 -17.09 20.21 31.34
C PRO C 121 -18.52 19.78 31.06
N GLY C 122 -18.67 18.70 30.30
CA GLY C 122 -19.99 18.16 30.00
C GLY C 122 -20.73 18.94 28.92
N MET C 123 -20.57 20.26 28.91
CA MET C 123 -21.18 21.10 27.88
C MET C 123 -21.03 20.45 26.50
N PRO C 124 -22.11 20.52 25.69
CA PRO C 124 -22.19 19.89 24.36
C PRO C 124 -21.79 20.82 23.23
N CYS C 125 -20.70 20.51 22.55
CA CYS C 125 -20.24 21.31 21.42
C CYS C 125 -20.21 20.48 20.14
N TRP C 126 -19.99 21.14 19.01
CA TRP C 126 -20.01 20.44 17.72
C TRP C 126 -18.72 20.58 16.93
N VAL C 127 -18.18 19.45 16.48
CA VAL C 127 -17.02 19.45 15.59
C VAL C 127 -17.44 18.95 14.21
N THR C 128 -16.98 19.64 13.16
CA THR C 128 -17.38 19.32 11.79
C THR C 128 -16.19 19.13 10.85
N GLY C 129 -16.42 18.41 9.74
CA GLY C 129 -15.38 18.22 8.75
C GLY C 129 -15.57 17.05 7.80
N TRP C 130 -14.62 16.92 6.87
CA TRP C 130 -14.66 15.87 5.86
C TRP C 130 -13.60 14.81 6.12
N GLY C 131 -13.20 14.70 7.38
CA GLY C 131 -12.14 13.78 7.77
C GLY C 131 -12.58 12.33 7.78
N ASP C 132 -11.67 11.46 8.24
CA ASP C 132 -11.91 10.02 8.32
C ASP C 132 -13.02 9.69 9.30
N VAL C 133 -13.78 8.65 9.00
CA VAL C 133 -14.91 8.26 9.84
C VAL C 133 -14.52 7.30 10.97
N ASP C 134 -13.28 6.81 10.92
CA ASP C 134 -12.73 6.01 12.00
C ASP C 134 -11.23 5.83 11.74
N ASN C 135 -10.53 5.17 12.66
CA ASN C 135 -9.11 4.91 12.47
C ASN C 135 -8.84 4.18 11.15
N ASP C 136 -8.12 4.83 10.24
CA ASP C 136 -7.79 4.24 8.94
C ASP C 136 -9.01 4.00 8.07
N GLU C 137 -10.04 4.82 8.22
CA GLU C 137 -11.25 4.64 7.42
C GLU C 137 -11.70 5.95 6.82
N ARG C 138 -11.51 6.06 5.51
CA ARG C 138 -11.80 7.30 4.79
C ARG C 138 -13.29 7.56 4.73
N LEU C 139 -13.64 8.83 4.66
CA LEU C 139 -14.98 9.24 4.32
C LEU C 139 -15.25 8.79 2.89
N PRO C 140 -16.28 7.94 2.69
CA PRO C 140 -16.69 7.47 1.37
C PRO C 140 -17.22 8.61 0.52
N PRO C 141 -17.00 8.56 -0.81
CA PRO C 141 -17.68 9.46 -1.74
C PRO C 141 -19.18 9.31 -1.56
N PRO C 142 -19.96 10.37 -1.81
CA PRO C 142 -19.57 11.68 -2.37
C PRO C 142 -19.00 12.65 -1.33
N PHE C 143 -18.45 12.14 -0.24
CA PHE C 143 -17.79 13.00 0.74
C PHE C 143 -18.72 14.07 1.30
N PRO C 144 -19.83 13.67 1.93
CA PRO C 144 -20.70 14.66 2.56
C PRO C 144 -20.00 15.27 3.77
N LEU C 145 -20.24 16.54 4.04
CA LEU C 145 -19.73 17.15 5.26
C LEU C 145 -20.37 16.49 6.49
N LYS C 146 -19.55 16.12 7.47
CA LYS C 146 -20.08 15.48 8.67
C LYS C 146 -20.01 16.41 9.89
N GLN C 147 -20.91 16.17 10.85
CA GLN C 147 -20.96 16.91 12.09
C GLN C 147 -21.12 15.88 13.20
N VAL C 148 -20.66 16.21 14.40
CA VAL C 148 -20.89 15.33 15.54
C VAL C 148 -20.85 16.16 16.80
N LYS C 149 -21.71 15.80 17.74
CA LYS C 149 -21.75 16.49 19.02
C LYS C 149 -20.79 15.81 19.98
N VAL C 150 -19.87 16.59 20.54
CA VAL C 150 -18.86 16.09 21.46
C VAL C 150 -18.88 16.85 22.77
N PRO C 151 -18.83 16.11 23.88
CA PRO C 151 -18.79 16.68 25.23
C PRO C 151 -17.40 17.21 25.61
N ILE C 152 -17.35 18.46 26.08
CA ILE C 152 -16.11 19.03 26.58
C ILE C 152 -15.59 18.22 27.77
N MET C 153 -14.28 18.03 27.84
CA MET C 153 -13.67 17.47 29.04
C MET C 153 -12.65 18.45 29.62
N GLU C 154 -12.89 18.86 30.87
CA GLU C 154 -12.00 19.75 31.61
C GLU C 154 -10.54 19.30 31.50
N ASN C 155 -9.63 20.25 31.29
CA ASN C 155 -8.23 19.94 30.98
C ASN C 155 -7.56 18.95 31.94
N HIS C 156 -7.62 19.22 33.24
CA HIS C 156 -6.92 18.39 34.24
C HIS C 156 -7.42 16.95 34.20
N ILE C 157 -8.73 16.81 34.09
CA ILE C 157 -9.35 15.49 34.00
C ILE C 157 -8.88 14.82 32.74
N CYS C 158 -8.84 15.58 31.66
CA CYS C 158 -8.38 15.06 30.39
C CYS C 158 -6.91 14.67 30.45
N ASP C 159 -6.11 15.50 31.11
CA ASP C 159 -4.70 15.21 31.22
C ASP C 159 -4.45 13.89 31.94
N ALA C 160 -5.17 13.69 33.05
CA ALA C 160 -5.07 12.43 33.78
C ALA C 160 -5.49 11.26 32.91
N LYS C 161 -6.54 11.45 32.12
CA LYS C 161 -6.98 10.42 31.21
C LYS C 161 -5.82 9.97 30.32
N TYR C 162 -5.06 10.95 29.82
CA TYR C 162 -3.93 10.68 28.94
C TYR C 162 -2.75 10.02 29.65
N HIS C 163 -2.75 10.06 30.98
CA HIS C 163 -1.71 9.37 31.74
C HIS C 163 -2.06 7.90 32.01
N LEU C 164 -3.33 7.55 31.93
CA LEU C 164 -3.76 6.17 32.14
C LEU C 164 -3.17 5.29 31.05
N GLY C 165 -2.37 4.30 31.45
CA GLY C 165 -1.79 3.37 30.51
C GLY C 165 -0.58 3.95 29.81
N ALA C 166 0.04 4.93 30.44
CA ALA C 166 1.23 5.56 29.88
C ALA C 166 2.35 5.55 30.91
N TYR C 167 3.59 5.73 30.44
CA TYR C 167 4.77 5.81 31.30
C TYR C 167 5.00 7.22 31.81
N THR C 168 4.52 8.19 31.03
CA THR C 168 4.71 9.60 31.35
C THR C 168 4.31 9.91 32.78
N GLY C 169 5.20 10.62 33.47
CA GLY C 169 4.97 11.02 34.84
C GLY C 169 3.71 11.85 35.01
N ASP C 170 2.98 11.60 36.09
CA ASP C 170 1.76 12.33 36.39
C ASP C 170 2.01 13.83 36.42
N ASP C 171 3.16 14.23 36.91
CA ASP C 171 3.48 15.65 37.00
C ASP C 171 3.88 16.25 35.64
N VAL C 172 4.02 15.39 34.65
CA VAL C 172 4.30 15.87 33.29
C VAL C 172 3.01 16.12 32.53
N ARG C 173 2.78 17.36 32.13
CA ARG C 173 1.52 17.73 31.48
C ARG C 173 1.50 17.37 30.01
N ILE C 174 0.50 16.59 29.64
CA ILE C 174 0.35 16.14 28.27
C ILE C 174 -0.68 17.03 27.57
N VAL C 175 -1.83 17.21 28.19
CA VAL C 175 -2.77 18.22 27.73
C VAL C 175 -2.42 19.56 28.37
N ARG C 176 -2.12 20.55 27.55
CA ARG C 176 -1.56 21.80 28.05
C ARG C 176 -2.56 22.96 28.09
N ASP C 177 -2.10 24.08 28.63
CA ASP C 177 -2.95 25.24 28.89
C ASP C 177 -3.55 25.86 27.63
N ASP C 178 -2.86 25.75 26.50
CA ASP C 178 -3.41 26.30 25.29
C ASP C 178 -4.22 25.24 24.53
N MET C 179 -4.56 24.17 25.22
CA MET C 179 -5.32 23.10 24.60
C MET C 179 -6.65 22.91 25.27
N LEU C 180 -7.52 22.14 24.63
CA LEU C 180 -8.88 21.92 25.09
C LEU C 180 -9.29 20.52 24.66
N CYS C 181 -9.94 19.78 25.55
CA CYS C 181 -10.34 18.40 25.26
C CYS C 181 -11.82 18.27 24.97
N ALA C 182 -12.15 17.31 24.11
CA ALA C 182 -13.54 17.05 23.76
C ALA C 182 -13.67 15.71 23.03
N GLY C 183 -14.72 14.96 23.34
CA GLY C 183 -15.01 13.72 22.65
C GLY C 183 -14.93 12.47 23.51
N ASN C 184 -15.36 11.34 22.96
CA ASN C 184 -15.28 10.06 23.66
C ASN C 184 -15.06 8.89 22.71
N THR C 185 -15.24 7.66 23.20
CA THR C 185 -14.99 6.48 22.37
C THR C 185 -16.03 6.32 21.27
N ARG C 186 -16.98 7.26 21.18
CA ARG C 186 -18.04 7.15 20.19
C ARG C 186 -18.14 8.41 19.31
N ARG C 187 -17.59 9.50 19.78
CA ARG C 187 -17.75 10.79 19.11
C ARG C 187 -16.43 11.55 19.19
N ASP C 188 -15.88 11.90 18.02
CA ASP C 188 -14.55 12.49 17.95
C ASP C 188 -14.26 13.05 16.55
N SER C 189 -13.21 13.84 16.47
CA SER C 189 -12.68 14.28 15.18
C SER C 189 -11.61 13.29 14.76
N CYS C 190 -11.16 13.38 13.52
CA CYS C 190 -10.12 12.46 13.06
C CYS C 190 -9.28 13.06 11.93
N GLN C 191 -8.26 12.32 11.49
CA GLN C 191 -7.40 12.75 10.39
C GLN C 191 -8.24 13.35 9.27
N GLY C 192 -7.84 14.53 8.78
CA GLY C 192 -8.61 15.19 7.74
C GLY C 192 -9.57 16.25 8.28
N ASP C 193 -9.93 16.13 9.56
CA ASP C 193 -10.73 17.14 10.23
C ASP C 193 -9.84 18.26 10.80
N SER C 194 -8.54 17.97 10.89
CA SER C 194 -7.55 18.93 11.42
C SER C 194 -7.69 20.32 10.82
N GLY C 195 -7.54 21.32 11.68
CA GLY C 195 -7.65 22.70 11.27
C GLY C 195 -9.08 23.19 11.35
N GLY C 196 -10.01 22.26 11.47
CA GLY C 196 -11.44 22.59 11.51
C GLY C 196 -11.90 23.10 12.85
N PRO C 197 -13.14 23.62 12.90
CA PRO C 197 -13.64 24.27 14.11
C PRO C 197 -14.41 23.35 15.06
N LEU C 198 -14.16 23.55 16.35
CA LEU C 198 -15.05 23.06 17.40
C LEU C 198 -15.90 24.24 17.85
N VAL C 199 -17.23 24.15 17.72
CA VAL C 199 -18.10 25.28 18.08
C VAL C 199 -19.10 25.01 19.20
N CYS C 200 -19.34 26.02 20.03
CA CYS C 200 -20.28 25.87 21.13
C CYS C 200 -21.39 26.93 21.05
N LYS C 201 -22.61 26.53 21.36
CA LYS C 201 -23.70 27.49 21.41
C LYS C 201 -23.77 28.10 22.81
N VAL C 202 -23.29 29.34 22.92
CA VAL C 202 -23.30 30.05 24.19
C VAL C 202 -24.30 31.20 24.14
N ASN C 203 -25.26 31.17 25.06
CA ASN C 203 -26.33 32.17 25.12
C ASN C 203 -26.87 32.53 23.75
N GLY C 204 -27.17 31.52 22.94
CA GLY C 204 -27.77 31.72 21.65
C GLY C 204 -26.82 31.99 20.49
N THR C 205 -25.51 31.91 20.75
CA THR C 205 -24.55 32.23 19.71
C THR C 205 -23.46 31.15 19.56
N TRP C 206 -23.16 30.79 18.33
CA TRP C 206 -22.09 29.84 18.07
C TRP C 206 -20.75 30.54 18.18
N LEU C 207 -19.90 30.05 19.09
CA LEU C 207 -18.54 30.56 19.23
C LEU C 207 -17.58 29.42 18.91
N GLN C 208 -16.48 29.71 18.22
CA GLN C 208 -15.49 28.67 17.99
C GLN C 208 -14.55 28.55 19.17
N ALA C 209 -14.74 27.48 19.95
CA ALA C 209 -13.92 27.24 21.14
C ALA C 209 -12.54 26.71 20.79
N GLY C 210 -12.42 25.97 19.69
CA GLY C 210 -11.15 25.33 19.40
C GLY C 210 -10.88 24.97 17.95
N VAL C 211 -9.65 24.54 17.70
CA VAL C 211 -9.25 24.09 16.38
C VAL C 211 -8.80 22.63 16.49
N VAL C 212 -9.36 21.77 15.66
CA VAL C 212 -8.99 20.37 15.66
C VAL C 212 -7.47 20.23 15.52
N SER C 213 -6.84 19.62 16.52
CA SER C 213 -5.39 19.61 16.59
C SER C 213 -4.78 18.22 16.55
N TRP C 214 -5.06 17.40 17.57
CA TRP C 214 -4.45 16.08 17.62
C TRP C 214 -5.08 15.15 18.62
N GLY C 215 -4.47 13.98 18.77
CA GLY C 215 -4.89 13.01 19.75
C GLY C 215 -4.19 11.69 19.50
N GLU C 216 -4.27 10.78 20.46
CA GLU C 216 -3.77 9.43 20.25
C GLU C 216 -4.87 8.62 19.57
N GLY C 217 -4.81 8.56 18.25
CA GLY C 217 -5.83 7.89 17.49
C GLY C 217 -7.12 8.67 17.53
N CYS C 218 -8.20 8.03 17.07
CA CYS C 218 -9.50 8.67 17.03
C CYS C 218 -10.49 7.85 17.85
N ALA C 219 -11.13 8.50 18.82
CA ALA C 219 -12.17 7.86 19.62
C ALA C 219 -11.68 6.59 20.33
N GLN C 220 -10.44 6.60 20.80
CA GLN C 220 -9.86 5.48 21.54
C GLN C 220 -10.10 5.68 23.04
N PRO C 221 -10.18 4.57 23.80
CA PRO C 221 -10.43 4.69 25.25
C PRO C 221 -9.40 5.56 25.95
N ASN C 222 -9.89 6.46 26.81
CA ASN C 222 -9.04 7.33 27.62
C ASN C 222 -8.22 8.35 26.81
N ARG C 223 -8.64 8.61 25.57
CA ARG C 223 -7.90 9.54 24.72
C ARG C 223 -8.82 10.46 23.93
N PRO C 224 -9.48 11.40 24.61
CA PRO C 224 -10.35 12.37 23.94
C PRO C 224 -9.53 13.18 22.94
N GLY C 225 -10.20 13.77 21.95
CA GLY C 225 -9.53 14.60 20.96
C GLY C 225 -9.01 15.88 21.58
N ILE C 226 -7.85 16.33 21.11
CA ILE C 226 -7.30 17.61 21.58
C ILE C 226 -7.47 18.72 20.55
N TYR C 227 -7.96 19.87 21.02
CA TYR C 227 -8.11 21.05 20.19
C TYR C 227 -7.22 22.15 20.71
N THR C 228 -6.80 23.03 19.81
CA THR C 228 -6.12 24.24 20.20
C THR C 228 -7.16 25.18 20.79
N ARG C 229 -6.86 25.76 21.95
CA ARG C 229 -7.80 26.64 22.64
C ARG C 229 -7.73 28.04 22.05
N VAL C 230 -8.80 28.46 21.40
CA VAL C 230 -8.81 29.71 20.66
C VAL C 230 -8.58 30.91 21.58
N THR C 231 -9.20 30.91 22.75
CA THR C 231 -9.07 32.03 23.67
C THR C 231 -7.61 32.29 24.03
N TYR C 232 -6.81 31.24 24.08
CA TYR C 232 -5.39 31.41 24.38
C TYR C 232 -4.69 32.31 23.33
N TYR C 233 -5.23 32.33 22.12
CA TYR C 233 -4.55 32.97 20.98
C TYR C 233 -5.32 34.13 20.36
N LEU C 234 -6.38 34.57 21.04
CA LEU C 234 -7.16 35.72 20.55
C LEU C 234 -6.30 36.94 20.24
N ASP C 235 -5.34 37.22 21.10
CA ASP C 235 -4.48 38.38 20.93
C ASP C 235 -3.64 38.27 19.66
N TRP C 236 -3.10 37.07 19.43
CA TRP C 236 -2.32 36.81 18.23
C TRP C 236 -3.20 36.91 16.98
N ILE C 237 -4.39 36.31 17.05
CA ILE C 237 -5.31 36.40 15.91
C ILE C 237 -5.59 37.87 15.56
N HIS C 238 -5.89 38.69 16.58
CA HIS C 238 -6.32 40.08 16.36
C HIS C 238 -5.19 40.99 15.90
N HIS C 239 -3.97 40.50 15.95
CA HIS C 239 -2.85 41.28 15.46
C HIS C 239 -2.84 41.29 13.93
N TYR C 240 -3.58 40.36 13.32
CA TYR C 240 -3.64 40.22 11.86
C TYR C 240 -5.05 40.38 11.31
N VAL C 241 -6.05 39.87 12.04
CA VAL C 241 -7.41 39.88 11.53
C VAL C 241 -8.23 41.08 11.99
N PRO C 242 -8.62 41.93 11.04
CA PRO C 242 -9.44 43.10 11.34
C PRO C 242 -10.65 42.72 12.20
N LYS C 243 -10.96 43.55 13.19
N ILE D 1 4.34 -21.51 -0.15
CA ILE D 1 3.86 -22.83 0.21
C ILE D 1 2.82 -22.75 1.35
N VAL D 2 1.60 -23.23 1.07
CA VAL D 2 0.57 -23.26 2.11
C VAL D 2 0.59 -24.60 2.83
N GLY D 3 0.79 -24.55 4.14
CA GLY D 3 0.82 -25.78 4.93
C GLY D 3 2.23 -26.35 4.99
N GLY D 4 2.33 -27.63 5.32
CA GLY D 4 3.61 -28.30 5.29
C GLY D 4 4.56 -27.82 6.36
N GLN D 5 5.85 -27.90 6.09
CA GLN D 5 6.87 -27.57 7.08
C GLN D 5 8.13 -27.07 6.39
N GLU D 6 9.05 -26.48 7.14
CA GLU D 6 10.37 -26.14 6.61
C GLU D 6 11.10 -27.42 6.16
N ALA D 7 11.74 -27.36 5.00
CA ALA D 7 12.41 -28.54 4.45
C ALA D 7 13.71 -28.87 5.20
N PRO D 8 13.98 -30.17 5.39
CA PRO D 8 15.29 -30.60 5.89
C PRO D 8 16.36 -30.13 4.93
N ARG D 9 17.56 -29.86 5.44
CA ARG D 9 18.63 -29.34 4.61
C ARG D 9 19.06 -30.31 3.53
N SER D 10 18.74 -31.59 3.70
CA SER D 10 19.17 -32.63 2.77
C SER D 10 18.18 -32.87 1.63
N LYS D 11 16.94 -32.41 1.80
CA LYS D 11 15.89 -32.63 0.80
C LYS D 11 15.97 -31.64 -0.35
N TRP D 12 15.49 -32.09 -1.52
CA TRP D 12 15.26 -31.23 -2.68
C TRP D 12 16.48 -30.45 -3.18
N PRO D 13 17.58 -31.17 -3.48
CA PRO D 13 18.82 -30.52 -3.91
C PRO D 13 18.70 -29.87 -5.29
N TRP D 14 17.55 -30.03 -5.95
CA TRP D 14 17.35 -29.48 -7.29
C TRP D 14 16.63 -28.13 -7.30
N GLN D 15 16.09 -27.73 -6.16
CA GLN D 15 15.32 -26.49 -6.08
C GLN D 15 16.21 -25.29 -6.33
N VAL D 16 15.77 -24.40 -7.21
CA VAL D 16 16.48 -23.15 -7.43
C VAL D 16 15.58 -21.94 -7.21
N SER D 17 16.19 -20.76 -7.14
CA SER D 17 15.49 -19.51 -6.95
C SER D 17 15.83 -18.60 -8.11
N LEU D 18 14.81 -17.99 -8.71
CA LEU D 18 15.04 -17.02 -9.77
C LEU D 18 15.03 -15.60 -9.18
N ARG D 19 16.01 -14.80 -9.54
CA ARG D 19 16.14 -13.47 -8.98
C ARG D 19 16.11 -12.40 -10.05
N VAL D 20 15.51 -11.26 -9.72
CA VAL D 20 15.44 -10.16 -10.66
C VAL D 20 16.14 -8.91 -10.11
N HIS D 21 16.85 -8.22 -10.99
CA HIS D 21 17.64 -7.06 -10.61
C HIS D 21 16.77 -5.91 -10.09
N GLY D 22 17.18 -5.31 -8.97
CA GLY D 22 16.47 -4.19 -8.39
C GLY D 22 17.25 -3.59 -7.23
N PRO D 23 16.54 -3.11 -6.19
CA PRO D 23 17.25 -2.71 -4.98
C PRO D 23 18.16 -3.86 -4.53
N TYR D 24 17.64 -5.07 -4.65
CA TYR D 24 18.42 -6.27 -4.40
C TYR D 24 18.01 -7.34 -5.39
N TRP D 25 18.77 -8.43 -5.45
CA TRP D 25 18.42 -9.53 -6.33
C TRP D 25 17.26 -10.32 -5.71
N MET D 26 16.04 -9.88 -6.02
CA MET D 26 14.85 -10.39 -5.35
C MET D 26 14.25 -11.65 -5.99
N HIS D 27 13.90 -12.60 -5.14
CA HIS D 27 13.22 -13.82 -5.59
C HIS D 27 11.84 -13.51 -6.19
N PHE D 28 11.60 -14.03 -7.38
CA PHE D 28 10.27 -13.85 -7.99
C PHE D 28 9.63 -15.18 -8.39
N CYS D 29 10.43 -16.23 -8.54
CA CYS D 29 9.92 -17.54 -8.95
C CYS D 29 10.91 -18.64 -8.57
N GLY D 30 10.39 -19.86 -8.48
CA GLY D 30 11.23 -21.02 -8.27
C GLY D 30 11.56 -21.71 -9.58
N GLY D 31 12.39 -22.74 -9.49
CA GLY D 31 12.75 -23.54 -10.66
C GLY D 31 13.39 -24.83 -10.19
N SER D 32 13.73 -25.71 -11.12
CA SER D 32 14.40 -26.96 -10.80
C SER D 32 15.59 -27.19 -11.72
N LEU D 33 16.66 -27.74 -11.16
CA LEU D 33 17.83 -28.09 -11.93
C LEU D 33 17.59 -29.47 -12.52
N ILE D 34 17.45 -29.55 -13.83
CA ILE D 34 17.21 -30.81 -14.52
C ILE D 34 18.44 -31.27 -15.30
N HIS D 35 19.40 -30.37 -15.40
CA HIS D 35 20.66 -30.67 -16.07
C HIS D 35 21.68 -29.73 -15.45
N PRO D 36 22.95 -30.15 -15.37
CA PRO D 36 23.94 -29.30 -14.72
C PRO D 36 23.93 -27.89 -15.30
N GLN D 37 23.53 -27.75 -16.55
CA GLN D 37 23.50 -26.44 -17.18
C GLN D 37 22.10 -25.94 -17.54
N TRP D 38 21.07 -26.65 -17.09
CA TRP D 38 19.70 -26.25 -17.44
C TRP D 38 18.73 -26.18 -16.26
N VAL D 39 17.97 -25.08 -16.23
CA VAL D 39 16.94 -24.89 -15.22
C VAL D 39 15.56 -24.93 -15.85
N LEU D 40 14.66 -25.71 -15.25
CA LEU D 40 13.28 -25.80 -15.69
C LEU D 40 12.39 -24.91 -14.83
N THR D 41 11.54 -24.09 -15.46
CA THR D 41 10.67 -23.21 -14.70
C THR D 41 9.36 -23.03 -15.46
N ALA D 42 8.54 -22.09 -15.00
CA ALA D 42 7.27 -21.80 -15.65
C ALA D 42 7.42 -20.62 -16.62
N ALA D 43 6.70 -20.69 -17.73
CA ALA D 43 6.75 -19.63 -18.75
C ALA D 43 6.28 -18.28 -18.22
N HIS D 44 5.21 -18.28 -17.43
CA HIS D 44 4.66 -17.00 -16.96
C HIS D 44 5.64 -16.29 -16.04
N CYS D 45 6.64 -17.02 -15.56
CA CYS D 45 7.68 -16.40 -14.72
C CYS D 45 8.62 -15.51 -15.54
N VAL D 46 8.79 -15.86 -16.81
CA VAL D 46 9.74 -15.12 -17.64
C VAL D 46 9.15 -14.69 -18.97
N GLY D 47 7.84 -14.52 -19.01
CA GLY D 47 7.14 -14.11 -20.21
C GLY D 47 5.67 -13.86 -19.93
N PRO D 48 4.88 -13.65 -20.98
CA PRO D 48 5.25 -13.82 -22.40
C PRO D 48 6.13 -12.69 -22.95
N ASP D 49 6.20 -11.57 -22.24
CA ASP D 49 7.01 -10.45 -22.67
C ASP D 49 8.50 -10.77 -22.60
N VAL D 50 9.24 -10.37 -23.63
CA VAL D 50 10.66 -10.69 -23.69
C VAL D 50 11.44 -9.86 -22.67
N LYS D 51 12.34 -10.51 -21.95
CA LYS D 51 13.10 -9.84 -20.92
C LYS D 51 14.60 -9.77 -21.26
N ASP D 52 15.34 -8.96 -20.51
CA ASP D 52 16.78 -8.84 -20.69
C ASP D 52 17.50 -9.85 -19.80
N LEU D 53 18.41 -10.64 -20.38
CA LEU D 53 19.12 -11.66 -19.63
C LEU D 53 19.90 -11.10 -18.46
N ALA D 54 20.26 -9.82 -18.55
CA ALA D 54 21.10 -9.20 -17.53
C ALA D 54 20.37 -8.98 -16.21
N ALA D 55 19.08 -8.66 -16.27
CA ALA D 55 18.33 -8.41 -15.04
C ALA D 55 17.91 -9.72 -14.36
N LEU D 56 18.47 -10.84 -14.80
CA LEU D 56 18.09 -12.15 -14.27
C LEU D 56 19.30 -12.88 -13.71
N ARG D 57 19.11 -13.54 -12.58
CA ARG D 57 20.12 -14.45 -12.04
C ARG D 57 19.47 -15.69 -11.44
N VAL D 58 20.25 -16.74 -11.29
CA VAL D 58 19.74 -17.98 -10.71
C VAL D 58 20.50 -18.31 -9.45
N GLN D 59 19.76 -18.73 -8.41
CA GLN D 59 20.37 -19.13 -7.15
C GLN D 59 20.02 -20.59 -6.86
N LEU D 60 21.05 -21.39 -6.60
CA LEU D 60 20.89 -22.81 -6.35
C LEU D 60 20.46 -23.07 -4.92
N ARG D 61 20.13 -24.31 -4.59
CA ARG D 61 19.48 -24.60 -3.32
C ARG D 61 20.08 -23.85 -2.14
N GLU D 62 19.22 -23.23 -1.35
CA GLU D 62 19.58 -22.49 -0.14
C GLU D 62 18.58 -22.89 0.92
N GLN D 63 19.04 -23.09 2.15
CA GLN D 63 18.09 -23.33 3.23
C GLN D 63 17.29 -22.06 3.54
N HIS D 64 17.96 -20.91 3.47
CA HIS D 64 17.31 -19.63 3.74
C HIS D 64 17.64 -18.63 2.63
N LEU D 65 16.60 -18.18 1.92
CA LEU D 65 16.79 -17.24 0.82
C LEU D 65 17.63 -16.05 1.22
N TYR D 66 18.51 -15.64 0.32
CA TYR D 66 19.28 -14.41 0.45
C TYR D 66 20.49 -14.54 1.35
N TYR D 67 20.53 -15.59 2.16
CA TYR D 67 21.55 -15.65 3.21
C TYR D 67 22.94 -16.11 2.78
N GLN D 68 23.02 -16.92 1.73
CA GLN D 68 24.33 -17.30 1.22
C GLN D 68 24.40 -17.23 -0.30
N ASP D 69 24.00 -16.10 -0.85
CA ASP D 69 23.83 -16.00 -2.30
C ASP D 69 25.12 -16.19 -3.09
N GLN D 70 25.08 -17.12 -4.03
CA GLN D 70 26.07 -17.22 -5.08
C GLN D 70 25.34 -17.18 -6.42
N LEU D 71 25.03 -15.98 -6.90
CA LEU D 71 24.15 -15.83 -8.07
C LEU D 71 24.80 -16.25 -9.38
N LEU D 72 23.99 -16.86 -10.24
CA LEU D 72 24.49 -17.42 -11.49
C LEU D 72 23.82 -16.78 -12.70
N PRO D 73 24.63 -16.20 -13.59
CA PRO D 73 24.16 -15.62 -14.86
C PRO D 73 23.52 -16.69 -15.75
N VAL D 74 22.63 -16.26 -16.64
CA VAL D 74 21.99 -17.16 -17.58
C VAL D 74 22.20 -16.68 -19.02
N SER D 75 22.57 -17.60 -19.90
CA SER D 75 22.95 -17.23 -21.26
C SER D 75 21.78 -17.31 -22.23
N ARG D 76 20.77 -18.10 -21.89
CA ARG D 76 19.58 -18.25 -22.72
C ARG D 76 18.31 -18.44 -21.92
N ILE D 77 17.27 -17.69 -22.29
CA ILE D 77 15.92 -17.92 -21.79
C ILE D 77 15.07 -18.43 -22.94
N ILE D 78 14.62 -19.67 -22.83
CA ILE D 78 13.83 -20.31 -23.87
C ILE D 78 12.43 -20.56 -23.36
N VAL D 79 11.45 -19.90 -23.99
CA VAL D 79 10.05 -19.94 -23.55
C VAL D 79 9.20 -20.65 -24.59
N HIS D 80 8.38 -21.61 -24.14
CA HIS D 80 7.59 -22.40 -25.07
C HIS D 80 6.74 -21.50 -25.96
N PRO D 81 6.89 -21.62 -27.28
CA PRO D 81 6.22 -20.70 -28.21
C PRO D 81 4.71 -20.77 -28.13
N GLN D 82 4.15 -21.81 -27.52
CA GLN D 82 2.71 -21.89 -27.41
C GLN D 82 2.15 -21.09 -26.23
N PHE D 83 3.04 -20.60 -25.37
CA PHE D 83 2.59 -19.93 -24.15
C PHE D 83 2.12 -18.49 -24.34
N TYR D 84 0.98 -18.16 -23.74
CA TYR D 84 0.62 -16.77 -23.61
C TYR D 84 0.05 -16.46 -22.22
N THR D 85 -0.79 -17.36 -21.71
CA THR D 85 -1.25 -17.26 -20.33
C THR D 85 -1.24 -18.66 -19.73
N ALA D 86 -1.24 -18.71 -18.40
CA ALA D 86 -1.20 -19.99 -17.70
C ALA D 86 -2.52 -20.76 -17.88
N GLN D 87 -3.63 -20.05 -18.04
CA GLN D 87 -4.91 -20.71 -18.27
C GLN D 87 -4.99 -21.36 -19.65
N ILE D 88 -4.28 -20.80 -20.63
CA ILE D 88 -4.31 -21.35 -21.97
C ILE D 88 -3.42 -22.59 -22.08
N GLY D 89 -2.27 -22.54 -21.40
CA GLY D 89 -1.39 -23.69 -21.31
C GLY D 89 0.02 -23.43 -21.79
N ALA D 90 0.79 -24.51 -21.94
CA ALA D 90 2.19 -24.44 -22.34
C ALA D 90 3.01 -23.57 -21.41
N ASP D 91 2.63 -23.54 -20.14
CA ASP D 91 3.32 -22.70 -19.17
C ASP D 91 4.61 -23.35 -18.70
N ILE D 92 5.63 -23.30 -19.56
CA ILE D 92 6.89 -23.94 -19.25
C ILE D 92 8.04 -23.23 -19.98
N ALA D 93 9.22 -23.24 -19.38
CA ALA D 93 10.35 -22.49 -19.91
C ALA D 93 11.70 -23.08 -19.49
N LEU D 94 12.75 -22.79 -20.27
CA LEU D 94 14.09 -23.29 -19.94
C LEU D 94 15.10 -22.16 -19.83
N LEU D 95 15.93 -22.23 -18.81
CA LEU D 95 17.02 -21.27 -18.63
C LEU D 95 18.33 -22.04 -18.80
N GLU D 96 19.19 -21.55 -19.67
CA GLU D 96 20.50 -22.17 -19.82
C GLU D 96 21.49 -21.37 -18.99
N LEU D 97 22.15 -22.04 -18.05
CA LEU D 97 23.14 -21.34 -17.26
C LEU D 97 24.32 -21.01 -18.13
N GLU D 98 24.94 -19.87 -17.85
CA GLU D 98 26.10 -19.44 -18.61
C GLU D 98 27.19 -20.48 -18.53
N GLU D 99 27.25 -21.17 -17.39
CA GLU D 99 28.25 -22.21 -17.16
C GLU D 99 27.61 -23.39 -16.41
N PRO D 100 28.09 -24.61 -16.66
CA PRO D 100 27.57 -25.81 -15.97
C PRO D 100 27.82 -25.78 -14.46
N VAL D 101 26.89 -26.33 -13.70
CA VAL D 101 27.06 -26.46 -12.27
C VAL D 101 27.88 -27.71 -11.96
N LYS D 102 28.77 -27.62 -10.99
CA LYS D 102 29.49 -28.79 -10.51
C LYS D 102 28.67 -29.44 -9.41
N VAL D 103 28.07 -30.59 -9.72
CA VAL D 103 27.15 -31.27 -8.79
C VAL D 103 27.69 -31.33 -7.36
N SER D 104 27.19 -30.43 -6.52
CA SER D 104 27.66 -30.29 -5.15
C SER D 104 27.09 -31.36 -4.22
N SER D 105 27.27 -31.14 -2.91
CA SER D 105 26.73 -32.03 -1.89
C SER D 105 25.23 -31.85 -1.74
N HIS D 106 24.79 -30.59 -1.75
CA HIS D 106 23.37 -30.27 -1.65
C HIS D 106 22.83 -29.74 -2.97
N VAL D 107 23.52 -30.08 -4.06
CA VAL D 107 23.07 -29.68 -5.38
C VAL D 107 23.12 -30.82 -6.40
N HIS D 108 21.97 -31.40 -6.71
CA HIS D 108 21.88 -32.40 -7.78
C HIS D 108 20.68 -32.10 -8.67
N THR D 109 20.64 -32.73 -9.83
CA THR D 109 19.53 -32.58 -10.76
C THR D 109 18.35 -33.43 -10.32
N VAL D 110 17.17 -33.08 -10.81
CA VAL D 110 16.00 -33.90 -10.59
C VAL D 110 15.80 -34.74 -11.85
N THR D 111 15.30 -35.95 -11.69
CA THR D 111 15.03 -36.82 -12.82
C THR D 111 13.68 -36.51 -13.44
N LEU D 112 13.65 -36.37 -14.77
CA LEU D 112 12.39 -36.18 -15.48
C LEU D 112 11.65 -37.51 -15.57
N PRO D 113 10.31 -37.47 -15.56
CA PRO D 113 9.49 -38.67 -15.60
C PRO D 113 9.45 -39.32 -16.99
N PRO D 114 9.31 -40.65 -17.06
CA PRO D 114 9.10 -41.31 -18.35
C PRO D 114 7.71 -40.94 -18.85
N ALA D 115 7.52 -40.90 -20.17
CA ALA D 115 6.22 -40.54 -20.74
C ALA D 115 5.07 -41.41 -20.19
N SER D 116 5.41 -42.55 -19.62
CA SER D 116 4.41 -43.49 -19.13
C SER D 116 3.77 -43.07 -17.80
N GLU D 117 4.40 -42.14 -17.10
CA GLU D 117 3.95 -41.79 -15.74
C GLU D 117 2.78 -40.81 -15.74
N THR D 118 1.65 -41.25 -15.23
CA THR D 118 0.45 -40.42 -15.15
C THR D 118 0.27 -39.83 -13.75
N PHE D 119 0.98 -40.39 -12.78
CA PHE D 119 0.87 -39.93 -11.39
C PHE D 119 -0.56 -39.96 -10.86
N PRO D 120 -1.08 -41.17 -10.61
CA PRO D 120 -2.44 -41.35 -10.07
C PRO D 120 -2.56 -40.80 -8.66
N PRO D 121 -3.79 -40.50 -8.22
CA PRO D 121 -4.02 -40.15 -6.82
C PRO D 121 -3.41 -41.23 -5.95
N GLY D 122 -3.01 -40.88 -4.74
CA GLY D 122 -2.44 -41.83 -3.81
C GLY D 122 -0.92 -41.85 -3.74
N MET D 123 -0.26 -41.32 -4.78
CA MET D 123 1.19 -41.23 -4.81
C MET D 123 1.71 -40.17 -3.84
N PRO D 124 2.93 -40.36 -3.34
CA PRO D 124 3.55 -39.38 -2.43
C PRO D 124 4.17 -38.26 -3.23
N CYS D 125 3.61 -37.06 -3.16
CA CYS D 125 4.11 -35.92 -3.92
C CYS D 125 4.27 -34.69 -3.06
N TRP D 126 5.40 -34.02 -3.22
CA TRP D 126 5.70 -32.78 -2.52
C TRP D 126 5.92 -31.65 -3.51
N VAL D 127 5.47 -30.46 -3.12
CA VAL D 127 5.85 -29.24 -3.82
C VAL D 127 6.68 -28.38 -2.85
N THR D 128 7.67 -27.68 -3.38
CA THR D 128 8.61 -26.96 -2.53
C THR D 128 8.81 -25.56 -3.08
N GLY D 129 9.14 -24.62 -2.20
CA GLY D 129 9.31 -23.23 -2.64
C GLY D 129 9.36 -22.24 -1.49
N TRP D 130 9.62 -20.99 -1.83
CA TRP D 130 9.77 -19.94 -0.85
C TRP D 130 8.64 -18.93 -1.00
N GLY D 131 7.50 -19.37 -1.55
CA GLY D 131 6.39 -18.49 -1.81
C GLY D 131 5.53 -18.18 -0.60
N ASP D 132 4.42 -17.51 -0.85
CA ASP D 132 3.46 -17.11 0.18
C ASP D 132 2.95 -18.30 1.00
N VAL D 133 2.75 -18.07 2.30
CA VAL D 133 2.28 -19.14 3.19
C VAL D 133 0.78 -19.18 3.25
N ASP D 134 0.14 -18.19 2.64
CA ASP D 134 -1.29 -18.21 2.37
C ASP D 134 -1.62 -17.01 1.50
N ASN D 135 -2.87 -16.93 1.05
CA ASN D 135 -3.32 -15.81 0.22
C ASN D 135 -2.86 -14.47 0.80
N ASP D 136 -1.99 -13.77 0.07
CA ASP D 136 -1.54 -12.44 0.47
C ASP D 136 -0.85 -12.45 1.84
N GLU D 137 -0.09 -13.50 2.08
CA GLU D 137 0.68 -13.64 3.32
C GLU D 137 2.09 -14.08 2.96
N ARG D 138 3.04 -13.17 3.04
CA ARG D 138 4.41 -13.47 2.64
C ARG D 138 5.12 -14.46 3.56
N LEU D 139 6.07 -15.20 2.99
CA LEU D 139 6.97 -16.03 3.78
C LEU D 139 7.78 -15.10 4.67
N PRO D 140 7.76 -15.34 5.98
CA PRO D 140 8.52 -14.48 6.89
C PRO D 140 10.01 -14.75 6.81
N PRO D 141 10.85 -13.73 7.06
CA PRO D 141 12.28 -14.00 7.19
C PRO D 141 12.47 -14.95 8.37
N PRO D 142 13.55 -15.75 8.37
CA PRO D 142 14.66 -15.77 7.42
C PRO D 142 14.41 -16.63 6.17
N PHE D 143 13.15 -16.73 5.76
CA PHE D 143 12.79 -17.29 4.45
C PHE D 143 13.28 -18.73 4.24
N PRO D 144 12.86 -19.64 5.12
CA PRO D 144 13.23 -21.05 4.98
C PRO D 144 12.53 -21.68 3.77
N LEU D 145 13.20 -22.61 3.10
CA LEU D 145 12.55 -23.32 2.01
C LEU D 145 11.47 -24.22 2.60
N LYS D 146 10.25 -24.12 2.08
CA LYS D 146 9.16 -24.95 2.57
C LYS D 146 8.85 -26.10 1.63
N GLN D 147 8.18 -27.11 2.18
CA GLN D 147 7.72 -28.26 1.42
C GLN D 147 6.35 -28.59 1.98
N VAL D 148 5.50 -29.15 1.14
CA VAL D 148 4.21 -29.63 1.60
C VAL D 148 3.81 -30.81 0.73
N LYS D 149 3.23 -31.81 1.37
CA LYS D 149 2.77 -33.00 0.67
C LYS D 149 1.38 -32.76 0.12
N VAL D 150 1.23 -32.90 -1.18
CA VAL D 150 -0.04 -32.57 -1.82
C VAL D 150 -0.69 -33.77 -2.52
N PRO D 151 -1.94 -34.03 -2.18
CA PRO D 151 -2.77 -35.05 -2.81
C PRO D 151 -2.96 -34.78 -4.29
N ILE D 152 -2.70 -35.78 -5.12
CA ILE D 152 -2.91 -35.62 -6.56
C ILE D 152 -4.37 -35.89 -6.89
N MET D 153 -4.96 -35.06 -7.74
CA MET D 153 -6.34 -35.28 -8.15
C MET D 153 -6.43 -35.42 -9.67
N GLU D 154 -7.11 -36.46 -10.14
CA GLU D 154 -7.25 -36.71 -11.58
C GLU D 154 -7.78 -35.50 -12.35
N ASN D 155 -7.25 -35.30 -13.56
CA ASN D 155 -7.62 -34.16 -14.39
C ASN D 155 -9.11 -33.95 -14.59
N HIS D 156 -9.84 -35.02 -14.90
CA HIS D 156 -11.25 -34.88 -15.21
C HIS D 156 -12.05 -34.47 -14.00
N ILE D 157 -11.67 -35.02 -12.85
CA ILE D 157 -12.33 -34.66 -11.61
C ILE D 157 -11.98 -33.23 -11.23
N CYS D 158 -10.70 -32.88 -11.36
CA CYS D 158 -10.24 -31.53 -11.07
C CYS D 158 -10.89 -30.51 -12.01
N ASP D 159 -11.05 -30.87 -13.28
CA ASP D 159 -11.68 -29.96 -14.25
C ASP D 159 -13.11 -29.64 -13.84
N ALA D 160 -13.87 -30.66 -13.48
CA ALA D 160 -15.27 -30.49 -13.09
C ALA D 160 -15.40 -29.69 -11.80
N LYS D 161 -14.44 -29.85 -10.90
CA LYS D 161 -14.43 -29.07 -9.66
C LYS D 161 -14.22 -27.59 -9.93
N TYR D 162 -13.41 -27.27 -10.93
CA TYR D 162 -13.17 -25.86 -11.27
C TYR D 162 -14.44 -25.17 -11.80
N HIS D 163 -15.38 -25.98 -12.28
CA HIS D 163 -16.66 -25.45 -12.73
C HIS D 163 -17.63 -25.17 -11.56
N LEU D 164 -17.34 -25.75 -10.39
CA LEU D 164 -18.24 -25.59 -9.25
C LEU D 164 -18.31 -24.12 -8.87
N GLY D 165 -19.53 -23.59 -8.79
CA GLY D 165 -19.72 -22.20 -8.42
C GLY D 165 -19.27 -21.20 -9.48
N ALA D 166 -19.12 -21.65 -10.73
CA ALA D 166 -18.79 -20.75 -11.84
C ALA D 166 -19.90 -20.73 -12.90
N TYR D 167 -19.90 -19.72 -13.75
CA TYR D 167 -20.86 -19.64 -14.84
C TYR D 167 -20.42 -20.52 -16.01
N THR D 168 -19.12 -20.80 -16.05
CA THR D 168 -18.51 -21.48 -17.18
C THR D 168 -19.16 -22.83 -17.49
N GLY D 169 -19.55 -23.02 -18.75
CA GLY D 169 -20.23 -24.24 -19.15
C GLY D 169 -19.46 -25.50 -18.81
N ASP D 170 -20.18 -26.55 -18.41
CA ASP D 170 -19.57 -27.84 -18.17
C ASP D 170 -18.89 -28.29 -19.47
N ASP D 171 -19.39 -27.76 -20.58
CA ASP D 171 -18.84 -27.98 -21.91
C ASP D 171 -17.35 -27.62 -22.00
N VAL D 172 -16.98 -26.54 -21.33
CA VAL D 172 -15.70 -25.87 -21.55
C VAL D 172 -14.61 -26.38 -20.62
N ARG D 173 -13.53 -26.88 -21.20
CA ARG D 173 -12.40 -27.40 -20.43
C ARG D 173 -11.63 -26.27 -19.76
N ILE D 174 -11.38 -26.39 -18.46
CA ILE D 174 -10.58 -25.42 -17.73
C ILE D 174 -9.20 -26.01 -17.42
N VAL D 175 -9.19 -27.19 -16.82
CA VAL D 175 -7.96 -27.92 -16.58
C VAL D 175 -7.67 -28.76 -17.81
N ARG D 176 -6.61 -28.44 -18.53
CA ARG D 176 -6.32 -29.08 -19.82
C ARG D 176 -5.36 -30.26 -19.70
N ASP D 177 -5.28 -31.07 -20.75
CA ASP D 177 -4.48 -32.28 -20.73
C ASP D 177 -2.99 -32.02 -20.44
N ASP D 178 -2.50 -30.85 -20.81
CA ASP D 178 -1.11 -30.50 -20.51
C ASP D 178 -0.96 -30.02 -19.06
N MET D 179 -2.03 -30.12 -18.27
CA MET D 179 -1.97 -29.70 -16.88
C MET D 179 -2.20 -30.87 -15.92
N LEU D 180 -1.86 -30.65 -14.65
CA LEU D 180 -2.01 -31.65 -13.59
C LEU D 180 -2.49 -30.93 -12.33
N CYS D 181 -3.32 -31.61 -11.52
CA CYS D 181 -3.89 -31.01 -10.30
C CYS D 181 -3.44 -31.67 -9.02
N ALA D 182 -3.13 -30.86 -8.01
CA ALA D 182 -2.77 -31.34 -6.68
C ALA D 182 -3.03 -30.26 -5.65
N GLY D 183 -3.32 -30.70 -4.41
CA GLY D 183 -3.49 -29.80 -3.29
C GLY D 183 -4.89 -29.88 -2.72
N ASN D 184 -5.06 -29.46 -1.48
CA ASN D 184 -6.39 -29.28 -0.92
C ASN D 184 -6.46 -27.95 -0.17
N THR D 185 -7.42 -27.79 0.73
CA THR D 185 -7.56 -26.51 1.42
C THR D 185 -6.51 -26.28 2.51
N ARG D 186 -5.65 -27.25 2.75
CA ARG D 186 -4.63 -27.12 3.78
C ARG D 186 -3.21 -27.22 3.22
N ARG D 187 -3.09 -27.70 1.98
CA ARG D 187 -1.80 -27.96 1.35
C ARG D 187 -1.82 -27.43 -0.08
N ASP D 188 -0.95 -26.48 -0.40
CA ASP D 188 -0.95 -25.94 -1.75
C ASP D 188 0.32 -25.14 -2.01
N SER D 189 0.55 -24.81 -3.27
CA SER D 189 1.57 -23.84 -3.61
C SER D 189 0.88 -22.49 -3.72
N CYS D 190 1.66 -21.42 -3.78
CA CYS D 190 1.09 -20.09 -3.85
C CYS D 190 2.04 -19.12 -4.55
N GLN D 191 1.67 -17.85 -4.61
CA GLN D 191 2.47 -16.84 -5.28
C GLN D 191 3.92 -16.95 -4.81
N GLY D 192 4.85 -17.00 -5.76
CA GLY D 192 6.27 -17.12 -5.42
C GLY D 192 6.79 -18.54 -5.52
N ASP D 193 5.89 -19.52 -5.47
CA ASP D 193 6.24 -20.92 -5.72
C ASP D 193 6.26 -21.25 -7.22
N SER D 194 5.54 -20.45 -8.01
CA SER D 194 5.47 -20.64 -9.47
C SER D 194 6.82 -20.97 -10.08
N GLY D 195 6.82 -21.84 -11.07
CA GLY D 195 8.06 -22.28 -11.69
C GLY D 195 8.71 -23.40 -10.91
N GLY D 196 8.29 -23.60 -9.66
CA GLY D 196 8.89 -24.63 -8.81
C GLY D 196 8.46 -26.06 -9.12
N PRO D 197 9.17 -27.04 -8.56
CA PRO D 197 8.88 -28.43 -8.91
C PRO D 197 7.82 -29.09 -8.03
N LEU D 198 7.03 -29.95 -8.65
CA LEU D 198 6.20 -30.89 -7.92
C LEU D 198 6.90 -32.21 -8.11
N VAL D 199 7.23 -32.89 -7.02
CA VAL D 199 7.97 -34.16 -7.14
C VAL D 199 7.26 -35.35 -6.51
N CYS D 200 7.33 -36.50 -7.16
CA CYS D 200 6.73 -37.72 -6.65
C CYS D 200 7.78 -38.84 -6.57
N LYS D 201 7.81 -39.54 -5.43
CA LYS D 201 8.69 -40.68 -5.28
C LYS D 201 8.01 -41.90 -5.90
N VAL D 202 8.65 -42.42 -6.94
CA VAL D 202 8.13 -43.57 -7.67
C VAL D 202 9.21 -44.63 -7.78
N ASN D 203 8.95 -45.81 -7.23
CA ASN D 203 9.91 -46.89 -7.27
C ASN D 203 11.30 -46.43 -6.84
N GLY D 204 11.39 -45.88 -5.63
CA GLY D 204 12.67 -45.46 -5.07
C GLY D 204 13.29 -44.21 -5.67
N THR D 205 12.62 -43.59 -6.64
CA THR D 205 13.18 -42.41 -7.28
C THR D 205 12.22 -41.20 -7.35
N TRP D 206 12.76 -40.01 -7.13
CA TRP D 206 11.99 -38.78 -7.23
C TRP D 206 11.92 -38.33 -8.69
N LEU D 207 10.72 -38.19 -9.21
CA LEU D 207 10.51 -37.72 -10.57
C LEU D 207 9.80 -36.38 -10.48
N GLN D 208 10.13 -35.44 -11.39
CA GLN D 208 9.41 -34.17 -11.42
C GLN D 208 8.15 -34.25 -12.26
N ALA D 209 7.02 -34.38 -11.58
CA ALA D 209 5.72 -34.53 -12.25
C ALA D 209 5.18 -33.21 -12.82
N GLY D 210 5.47 -32.10 -12.14
CA GLY D 210 4.91 -30.83 -12.54
C GLY D 210 5.71 -29.58 -12.21
N VAL D 211 5.28 -28.49 -12.84
CA VAL D 211 5.82 -27.17 -12.60
C VAL D 211 4.67 -26.31 -12.08
N VAL D 212 4.89 -25.65 -10.95
CA VAL D 212 3.82 -24.84 -10.35
C VAL D 212 3.39 -23.79 -11.36
N SER D 213 2.10 -23.79 -11.72
CA SER D 213 1.62 -22.90 -12.77
C SER D 213 0.63 -21.84 -12.30
N TRP D 214 -0.57 -22.26 -11.89
CA TRP D 214 -1.58 -21.30 -11.45
C TRP D 214 -2.65 -21.97 -10.60
N GLY D 215 -3.72 -21.23 -10.34
CA GLY D 215 -4.90 -21.75 -9.67
C GLY D 215 -5.77 -20.58 -9.28
N GLU D 216 -6.97 -20.85 -8.78
CA GLU D 216 -7.76 -19.76 -8.22
C GLU D 216 -7.44 -19.66 -6.75
N GLY D 217 -6.61 -18.66 -6.43
CA GLY D 217 -6.12 -18.50 -5.09
C GLY D 217 -5.25 -19.67 -4.66
N CYS D 218 -5.08 -19.80 -3.35
CA CYS D 218 -4.25 -20.83 -2.78
C CYS D 218 -5.07 -21.51 -1.70
N ALA D 219 -5.16 -22.84 -1.79
CA ALA D 219 -5.79 -23.64 -0.76
C ALA D 219 -7.29 -23.34 -0.63
N GLN D 220 -7.91 -22.94 -1.74
CA GLN D 220 -9.33 -22.59 -1.75
C GLN D 220 -10.19 -23.80 -2.04
N PRO D 221 -11.40 -23.84 -1.44
CA PRO D 221 -12.40 -24.89 -1.65
C PRO D 221 -12.62 -25.17 -3.13
N ASN D 222 -12.52 -26.43 -3.51
CA ASN D 222 -12.82 -26.84 -4.88
C ASN D 222 -11.91 -26.24 -5.95
N ARG D 223 -10.74 -25.73 -5.54
CA ARG D 223 -9.79 -25.12 -6.49
C ARG D 223 -8.36 -25.58 -6.22
N PRO D 224 -8.06 -26.85 -6.50
CA PRO D 224 -6.70 -27.36 -6.26
C PRO D 224 -5.63 -26.65 -7.12
N GLY D 225 -4.38 -26.70 -6.67
CA GLY D 225 -3.28 -26.11 -7.40
C GLY D 225 -3.11 -26.74 -8.76
N ILE D 226 -2.79 -25.93 -9.77
CA ILE D 226 -2.62 -26.43 -11.13
C ILE D 226 -1.16 -26.39 -11.57
N TYR D 227 -0.72 -27.47 -12.19
CA TYR D 227 0.67 -27.62 -12.59
C TYR D 227 0.80 -27.92 -14.07
N THR D 228 1.89 -27.46 -14.67
CA THR D 228 2.22 -27.91 -16.00
C THR D 228 2.66 -29.36 -15.88
N ARG D 229 2.03 -30.22 -16.68
CA ARG D 229 2.36 -31.64 -16.73
C ARG D 229 3.62 -31.86 -17.53
N VAL D 230 4.69 -32.23 -16.85
CA VAL D 230 6.01 -32.34 -17.44
C VAL D 230 6.12 -33.37 -18.57
N THR D 231 5.45 -34.52 -18.42
CA THR D 231 5.46 -35.55 -19.46
C THR D 231 4.92 -35.03 -20.78
N TYR D 232 4.07 -34.01 -20.72
CA TYR D 232 3.46 -33.49 -21.93
C TYR D 232 4.47 -32.72 -22.78
N TYR D 233 5.55 -32.23 -22.17
CA TYR D 233 6.53 -31.42 -22.89
C TYR D 233 7.95 -32.00 -22.90
N LEU D 234 8.07 -33.29 -22.65
CA LEU D 234 9.35 -33.99 -22.76
C LEU D 234 10.03 -33.72 -24.10
N ASP D 235 9.30 -33.92 -25.18
CA ASP D 235 9.86 -33.70 -26.51
C ASP D 235 10.52 -32.32 -26.57
N TRP D 236 9.74 -31.29 -26.24
CA TRP D 236 10.23 -29.91 -26.29
C TRP D 236 11.47 -29.73 -25.41
N ILE D 237 11.39 -30.22 -24.19
CA ILE D 237 12.52 -30.15 -23.26
C ILE D 237 13.76 -30.84 -23.85
N HIS D 238 13.59 -32.05 -24.35
CA HIS D 238 14.71 -32.80 -24.93
C HIS D 238 15.28 -32.15 -26.18
N HIS D 239 14.51 -31.29 -26.83
CA HIS D 239 15.01 -30.61 -28.01
C HIS D 239 16.18 -29.71 -27.62
N TYR D 240 16.25 -29.36 -26.34
CA TYR D 240 17.23 -28.39 -25.87
C TYR D 240 18.22 -28.96 -24.87
N VAL D 241 17.76 -29.91 -24.06
CA VAL D 241 18.57 -30.38 -22.94
C VAL D 241 19.18 -31.77 -23.18
N PRO D 242 20.52 -31.85 -23.17
CA PRO D 242 21.25 -33.09 -23.47
C PRO D 242 20.70 -34.28 -22.69
N LYS D 243 20.58 -35.42 -23.35
C4 11N E . 14.86 10.33 11.62
C5 11N E . 16.18 10.05 12.06
C6 11N E . 16.49 8.79 12.71
C7 11N E . 12.37 9.35 11.52
C8 11N E . 11.99 7.89 11.63
C10 11N E . 12.31 9.94 10.07
C13 11N E . 10.25 10.66 12.11
C15 11N E . 17.27 11.09 11.80
C17 11N E . 9.94 12.53 10.43
C20 11N E . 8.89 14.64 10.96
C22 11N E . 9.31 16.06 13.08
C24 11N E . 8.30 18.30 13.30
C26 11N E . 7.88 16.96 11.27
C1 11N E . 15.46 7.82 12.94
C2 11N E . 14.15 8.10 12.51
C3 11N E . 13.86 9.38 11.83
O15 11N E . 12.90 7.35 12.59
C11 11N E . 10.86 10.31 9.69
N22 11N E . 10.22 11.13 10.72
C14 11N E . 11.69 10.32 12.51
N33 11N E . 17.92 10.74 10.56
O37 11N E . 10.02 12.90 9.30
C19 11N E . 9.37 13.51 11.46
C41 11N E . 8.68 15.92 11.80
C23 11N E . 9.12 17.25 13.81
C25 11N E . 7.69 18.16 12.03
C4 11N F . -6.64 -3.25 -20.22
C5 11N F . -7.53 -2.50 -21.04
C6 11N F . -8.81 -2.06 -20.53
C7 11N F . -6.35 -4.29 -17.78
C8 11N F . -7.15 -4.00 -16.54
C10 11N F . -4.94 -3.66 -17.79
C13 11N F . -5.37 -6.56 -17.18
C15 11N F . -7.09 -2.15 -22.47
C17 11N F . -2.91 -6.45 -17.76
C20 11N F . -1.71 -8.37 -18.65
C22 11N F . -2.59 -10.20 -20.21
C24 11N F . -1.15 -12.07 -20.93
C26 11N F . -0.28 -10.34 -19.40
C1 11N F . -9.19 -2.38 -19.20
C2 11N F . -8.32 -3.11 -18.39
C3 11N F . -7.01 -3.55 -18.91
O15 11N F . -8.45 -3.58 -17.00
C11 11N F . -4.04 -4.45 -16.83
N22 11N F . -4.08 -5.87 -17.12
C14 11N F . -6.28 -5.80 -18.16
N33 11N F . -6.39 -0.88 -22.36
O37 11N F . -1.92 -5.82 -17.78
C19 11N F . -2.90 -7.89 -18.32
C41 11N F . -1.52 -9.68 -19.44
C23 11N F . -2.39 -11.40 -20.96
C25 11N F . -0.08 -11.55 -20.14
C4 11N G . -6.34 12.90 16.30
C5 11N G . -7.47 13.72 16.52
C6 11N G . -7.97 14.59 15.46
C7 11N G . -4.45 12.24 14.52
C8 11N G . -4.47 12.50 13.03
C10 11N G . -4.77 10.76 14.89
C13 11N G . -1.96 11.76 15.01
C15 11N G . -8.21 13.62 17.86
C17 11N G . -1.97 9.74 16.51
C20 11N G . -0.38 9.40 18.30
C22 11N G . 0.52 11.16 19.95
C24 11N G . 2.35 10.61 21.50
C26 11N G . 1.52 8.91 19.91
C1 11N G . -7.27 14.65 14.20
C2 11N G . -6.16 13.85 13.99
C3 11N G . -5.67 12.95 15.07
O15 11N G . -5.27 13.68 12.84
C11 11N G . -3.55 9.87 14.61
N22 11N G . -2.34 10.36 15.25
C14 11N G . -3.17 12.68 15.28
N33 11N G . -9.46 12.92 17.63
O37 11N G . -2.51 8.73 16.81
C19 11N G . -0.85 10.27 17.40
C41 11N G . 0.59 9.83 19.41
C23 11N G . 1.42 11.54 20.99
C25 11N G . 2.42 9.29 20.96
C4 11N H . -1.89 -20.20 -7.59
C5 11N H . -1.19 -21.42 -7.33
C6 11N H . 0.27 -21.42 -7.32
C7 11N H . -1.61 -17.62 -8.14
C8 11N H . -0.38 -16.78 -7.96
C10 11N H . -2.71 -17.34 -7.08
C13 11N H . -3.00 -16.28 -9.85
C15 11N H . -1.99 -22.70 -7.09
C17 11N H . -5.32 -16.12 -8.90
C20 11N H . -7.26 -16.33 -10.34
C22 11N H . -7.42 -17.48 -12.65
C24 11N H . -9.54 -17.49 -13.91
C26 11N H . -9.39 -16.36 -11.71
C1 11N H . 0.99 -20.21 -7.57
C2 11N H . 0.29 -19.03 -7.82
C3 11N H . -1.19 -19.03 -7.83
O15 11N H . 0.74 -17.67 -8.12
C11 11N H . -3.36 -15.99 -7.37
N22 11N H . -3.89 -15.94 -8.73
C14 11N H . -2.24 -17.59 -9.56
N33 11N H . -2.45 -22.70 -5.70
O37 11N H . -6.03 -16.08 -7.95
C19 11N H . -5.93 -16.36 -10.29
C41 11N H . -8.04 -16.72 -11.60
C23 11N H . -8.18 -17.85 -13.80
C25 11N H . -10.16 -16.74 -12.86
#